data_6ITK
#
_entry.id   6ITK
#
_cell.length_a   102.931
_cell.length_b   116.940
_cell.length_c   66.003
_cell.angle_alpha   90.000
_cell.angle_beta   95.310
_cell.angle_gamma   90.000
#
_symmetry.space_group_name_H-M   'C 1 2 1'
#
loop_
_entity.id
_entity.type
_entity.pdbx_description
1 polymer 'Malate dehydrogenase'
2 non-polymer '(2S)-2-hydroxybutanedioic acid'
3 non-polymer NICOTINAMIDE-ADENINE-DINUCLEOTIDE
4 water water
#
_entity_poly.entity_id   1
_entity_poly.type   'polypeptide(L)'
_entity_poly.pdbx_seq_one_letter_code
;MNSPQNVSTKKVTVTGAAGQISYSLLWRIANGEVFGTDTPVELKLLEIPQALGGAEGVAMELLDSAFPLLRNITITADAN
EAFDGANAAFLVGAKPRGKGEERADLLANNGKIFGPQGKAINDNAADDIRVLVVGNPANTNALIASAAAPDVPASRFNAM
MRLDHNRAISQLATKLGRGSAEFNNIVVWGNHSATQFPDITYATVGGEKVTDLVDHDWYVEEFIPRVANRGAEIIEVRGK
SSAASAASSAIDHMRDWVQGTEAWSSAAIPSTGAYGIPEGIFVGLPTVSRNGEWEIVEGLEISDFQRARIDANAQELQAE
REAVRDLLLEHHHHHH
;
_entity_poly.pdbx_strand_id   A,B
#
loop_
_chem_comp.id
_chem_comp.type
_chem_comp.name
_chem_comp.formula
LMR non-polymer '(2S)-2-hydroxybutanedioic acid' 'C4 H6 O5'
NAD non-polymer NICOTINAMIDE-ADENINE-DINUCLEOTIDE 'C21 H27 N7 O14 P2'
#
# COMPACT_ATOMS: atom_id res chain seq x y z
N SER A 8 -11.13 2.28 21.89
CA SER A 8 -9.75 2.81 21.76
C SER A 8 -9.45 3.16 20.29
N THR A 9 -10.45 3.67 19.54
CA THR A 9 -10.41 3.96 18.08
C THR A 9 -9.65 5.28 17.83
N LYS A 10 -8.63 5.24 16.95
CA LYS A 10 -7.89 6.45 16.52
C LYS A 10 -8.58 7.02 15.28
N LYS A 11 -8.92 8.30 15.34
CA LYS A 11 -9.47 9.05 14.18
C LYS A 11 -8.31 9.68 13.42
N VAL A 12 -8.21 9.40 12.13
CA VAL A 12 -7.07 9.79 11.28
C VAL A 12 -7.64 10.56 10.10
N THR A 13 -7.23 11.83 9.93
CA THR A 13 -7.69 12.66 8.78
C THR A 13 -6.65 12.59 7.69
N VAL A 14 -7.09 12.35 6.46
CA VAL A 14 -6.20 12.45 5.27
C VAL A 14 -6.81 13.48 4.31
N THR A 15 -6.08 14.57 4.03
CA THR A 15 -6.47 15.57 3.00
C THR A 15 -5.88 15.17 1.64
N GLY A 16 -6.31 15.82 0.56
CA GLY A 16 -6.03 15.35 -0.80
C GLY A 16 -6.30 13.84 -0.98
N ALA A 17 -7.45 13.34 -0.56
CA ALA A 17 -7.76 11.90 -0.44
C ALA A 17 -8.05 11.27 -1.82
N ALA A 18 -8.38 12.06 -2.85
CA ALA A 18 -8.60 11.59 -4.24
C ALA A 18 -7.29 11.59 -5.06
N GLY A 19 -6.16 11.96 -4.44
CA GLY A 19 -4.87 12.07 -5.13
C GLY A 19 -4.06 10.78 -5.11
N GLN A 20 -2.94 10.84 -5.85
CA GLN A 20 -1.92 9.78 -6.05
C GLN A 20 -1.35 9.29 -4.70
N ILE A 21 -0.81 10.18 -3.90
CA ILE A 21 -0.10 9.79 -2.64
C ILE A 21 -1.11 9.10 -1.71
N SER A 22 -2.30 9.68 -1.52
CA SER A 22 -3.37 9.17 -0.61
C SER A 22 -3.79 7.77 -1.06
N TYR A 23 -3.90 7.56 -2.39
CA TYR A 23 -4.25 6.24 -2.95
C TYR A 23 -3.29 5.17 -2.44
N SER A 24 -1.97 5.44 -2.34
CA SER A 24 -0.96 4.50 -1.76
C SER A 24 -0.97 4.54 -0.23
N LEU A 25 -1.36 5.67 0.36
CA LEU A 25 -1.24 5.89 1.83
C LEU A 25 -2.36 5.17 2.61
N LEU A 26 -3.62 5.28 2.14
CA LEU A 26 -4.79 4.89 2.99
C LEU A 26 -4.77 3.38 3.33
N TRP A 27 -4.31 2.50 2.43
CA TRP A 27 -4.33 1.02 2.70
C TRP A 27 -3.28 0.64 3.78
N ARG A 28 -2.30 1.50 4.02
CA ARG A 28 -1.19 1.21 4.96
C ARG A 28 -1.45 1.89 6.30
N ILE A 29 -2.51 2.69 6.39
CA ILE A 29 -3.11 3.14 7.67
C ILE A 29 -4.10 2.06 8.11
N ALA A 30 -5.00 1.66 7.20
CA ALA A 30 -6.13 0.77 7.52
C ALA A 30 -5.63 -0.61 7.94
N ASN A 31 -4.42 -0.98 7.54
CA ASN A 31 -3.86 -2.34 7.77
C ASN A 31 -3.24 -2.43 9.17
N GLY A 32 -3.18 -1.33 9.92
CA GLY A 32 -2.61 -1.34 11.29
C GLY A 32 -1.15 -0.94 11.33
N GLU A 33 -0.53 -0.58 10.20
CA GLU A 33 0.95 -0.33 10.12
C GLU A 33 1.31 0.90 10.96
N VAL A 34 0.45 1.91 11.06
CA VAL A 34 0.77 3.19 11.74
C VAL A 34 0.58 3.02 13.25
N PHE A 35 -0.63 2.73 13.72
CA PHE A 35 -0.94 2.77 15.19
C PHE A 35 -0.78 1.41 15.86
N GLY A 36 -0.56 0.33 15.11
CA GLY A 36 -0.46 -1.04 15.65
C GLY A 36 -1.64 -1.91 15.23
N THR A 37 -1.40 -3.22 15.18
CA THR A 37 -2.35 -4.24 14.67
C THR A 37 -3.49 -4.53 15.68
N ASP A 38 -3.54 -3.88 16.86
CA ASP A 38 -4.69 -3.95 17.81
C ASP A 38 -5.44 -2.62 17.89
N THR A 39 -5.13 -1.61 17.08
CA THR A 39 -5.72 -0.27 17.23
C THR A 39 -6.66 0.00 16.09
N PRO A 40 -7.99 0.02 16.36
CA PRO A 40 -8.97 0.36 15.34
C PRO A 40 -8.81 1.82 14.88
N VAL A 41 -9.22 2.07 13.66
CA VAL A 41 -8.99 3.37 13.00
C VAL A 41 -10.31 3.77 12.35
N GLU A 42 -10.54 5.07 12.31
CA GLU A 42 -11.57 5.75 11.48
C GLU A 42 -10.86 6.66 10.50
N LEU A 43 -11.20 6.60 9.22
CA LEU A 43 -10.54 7.44 8.20
C LEU A 43 -11.50 8.57 7.87
N LYS A 44 -10.97 9.80 7.92
CA LYS A 44 -11.69 11.05 7.63
C LYS A 44 -11.01 11.68 6.40
N LEU A 45 -11.65 11.53 5.26
CA LEU A 45 -11.12 11.99 3.97
C LEU A 45 -11.61 13.42 3.73
N LEU A 46 -10.68 14.33 3.43
CA LEU A 46 -11.00 15.72 3.04
C LEU A 46 -10.56 15.95 1.60
N GLU A 47 -11.42 16.56 0.80
CA GLU A 47 -11.14 16.91 -0.61
C GLU A 47 -11.82 18.25 -0.89
N ILE A 48 -11.47 18.88 -2.01
CA ILE A 48 -12.19 20.07 -2.53
C ILE A 48 -13.46 19.57 -3.21
N PRO A 49 -14.50 20.41 -3.34
CA PRO A 49 -15.77 19.97 -3.91
C PRO A 49 -15.67 19.17 -5.23
N GLN A 50 -14.75 19.55 -6.10
CA GLN A 50 -14.68 19.01 -7.48
C GLN A 50 -14.08 17.60 -7.47
N ALA A 51 -13.57 17.13 -6.32
CA ALA A 51 -12.88 15.82 -6.17
C ALA A 51 -13.63 14.90 -5.21
N LEU A 52 -14.81 15.30 -4.72
CA LEU A 52 -15.60 14.49 -3.75
C LEU A 52 -15.96 13.13 -4.37
N GLY A 53 -16.36 13.14 -5.66
CA GLY A 53 -16.68 11.95 -6.45
C GLY A 53 -15.56 10.92 -6.42
N GLY A 54 -14.33 11.38 -6.72
CA GLY A 54 -13.06 10.65 -6.55
C GLY A 54 -12.93 10.05 -5.16
N ALA A 55 -13.09 10.84 -4.09
CA ALA A 55 -12.86 10.38 -2.70
C ALA A 55 -13.92 9.34 -2.33
N GLU A 56 -15.13 9.48 -2.89
CA GLU A 56 -16.23 8.49 -2.74
C GLU A 56 -15.81 7.14 -3.36
N GLY A 57 -15.24 7.17 -4.56
CA GLY A 57 -14.55 6.00 -5.17
C GLY A 57 -13.57 5.34 -4.20
N VAL A 58 -12.72 6.11 -3.52
CA VAL A 58 -11.61 5.58 -2.67
C VAL A 58 -12.24 4.92 -1.43
N ALA A 59 -13.22 5.58 -0.84
CA ALA A 59 -13.98 5.08 0.34
C ALA A 59 -14.66 3.74 0.00
N MET A 60 -15.22 3.63 -1.20
CA MET A 60 -15.82 2.37 -1.71
C MET A 60 -14.79 1.23 -1.78
N GLU A 61 -13.59 1.47 -2.34
CA GLU A 61 -12.53 0.42 -2.42
C GLU A 61 -12.03 0.09 -1.02
N LEU A 62 -11.89 1.08 -0.14
CA LEU A 62 -11.45 0.85 1.27
C LEU A 62 -12.42 -0.11 1.96
N LEU A 63 -13.72 0.17 1.83
CA LEU A 63 -14.80 -0.69 2.38
C LEU A 63 -14.66 -2.12 1.83
N ASP A 64 -14.49 -2.24 0.52
CA ASP A 64 -14.41 -3.52 -0.22
C ASP A 64 -13.21 -4.36 0.23
N SER A 65 -12.24 -3.76 0.95
CA SER A 65 -10.99 -4.42 1.40
C SER A 65 -11.23 -5.13 2.72
N ALA A 66 -12.30 -4.78 3.42
CA ALA A 66 -12.79 -5.50 4.62
C ALA A 66 -11.64 -5.57 5.62
N PHE A 67 -11.01 -4.44 5.90
CA PHE A 67 -9.93 -4.33 6.91
C PHE A 67 -10.55 -4.57 8.27
N PRO A 68 -10.08 -5.52 9.09
CA PRO A 68 -10.65 -5.68 10.43
C PRO A 68 -10.61 -4.41 11.29
N LEU A 69 -9.54 -3.61 11.21
CA LEU A 69 -9.31 -2.40 12.07
C LEU A 69 -10.04 -1.15 11.56
N LEU A 70 -10.58 -1.14 10.33
CA LEU A 70 -11.24 0.07 9.77
C LEU A 70 -12.73 0.07 10.19
N ARG A 71 -13.09 0.90 11.16
CA ARG A 71 -14.43 0.87 11.80
C ARG A 71 -15.33 1.90 11.10
N ASN A 72 -14.78 2.91 10.44
CA ASN A 72 -15.64 3.92 9.78
C ASN A 72 -14.81 4.73 8.79
N ILE A 73 -15.45 5.26 7.75
CA ILE A 73 -14.88 6.10 6.67
C ILE A 73 -15.84 7.25 6.41
N THR A 74 -15.36 8.49 6.53
CA THR A 74 -16.12 9.74 6.31
C THR A 74 -15.44 10.47 5.16
N ILE A 75 -16.23 11.11 4.31
CA ILE A 75 -15.77 11.88 3.12
C ILE A 75 -16.45 13.22 3.24
N THR A 76 -15.72 14.33 3.06
CA THR A 76 -16.26 15.69 3.24
C THR A 76 -15.40 16.67 2.44
N ALA A 77 -15.99 17.80 2.11
CA ALA A 77 -15.28 19.02 1.65
C ALA A 77 -15.24 20.08 2.77
N ASP A 78 -15.75 19.77 3.97
CA ASP A 78 -15.79 20.71 5.11
C ASP A 78 -14.68 20.33 6.08
N ALA A 79 -13.68 21.20 6.21
CA ALA A 79 -12.46 20.95 7.02
C ALA A 79 -12.82 20.77 8.50
N ASN A 80 -13.88 21.41 9.01
CA ASN A 80 -14.29 21.24 10.45
C ASN A 80 -14.75 19.79 10.67
N GLU A 81 -15.56 19.24 9.75
CA GLU A 81 -16.03 17.83 9.79
C GLU A 81 -14.82 16.90 9.69
N ALA A 82 -13.88 17.18 8.77
CA ALA A 82 -12.74 16.29 8.47
C ALA A 82 -11.84 16.13 9.70
N PHE A 83 -11.66 17.21 10.49
CA PHE A 83 -10.70 17.26 11.62
C PHE A 83 -11.39 16.97 12.97
N ASP A 84 -12.72 16.79 12.99
CA ASP A 84 -13.52 16.66 14.24
C ASP A 84 -12.99 15.47 15.05
N GLY A 85 -12.45 15.70 16.25
CA GLY A 85 -11.91 14.64 17.12
C GLY A 85 -10.70 13.93 16.50
N ALA A 86 -10.07 14.50 15.47
CA ALA A 86 -8.90 13.84 14.83
C ALA A 86 -7.80 13.61 15.88
N ASN A 87 -7.23 12.40 15.92
CA ASN A 87 -6.02 12.08 16.73
C ASN A 87 -4.74 12.23 15.91
N ALA A 88 -4.81 12.09 14.59
CA ALA A 88 -3.65 12.20 13.68
C ALA A 88 -4.16 12.70 12.33
N ALA A 89 -3.32 13.44 11.62
CA ALA A 89 -3.64 14.04 10.32
C ALA A 89 -2.41 13.95 9.38
N PHE A 90 -2.68 13.61 8.12
CA PHE A 90 -1.74 13.62 6.99
C PHE A 90 -2.24 14.72 6.04
N LEU A 91 -1.55 15.86 5.96
CA LEU A 91 -2.00 16.98 5.09
C LEU A 91 -1.30 16.81 3.74
N VAL A 92 -1.93 16.05 2.86
CA VAL A 92 -1.42 15.69 1.52
C VAL A 92 -2.00 16.63 0.46
N GLY A 93 -3.15 17.23 0.71
CA GLY A 93 -3.82 18.12 -0.26
C GLY A 93 -3.03 19.39 -0.52
N ALA A 94 -2.68 19.62 -1.78
CA ALA A 94 -1.93 20.80 -2.26
C ALA A 94 -1.97 20.81 -3.80
N LYS A 95 -1.62 21.94 -4.41
CA LYS A 95 -1.63 22.18 -5.89
C LYS A 95 -0.20 22.00 -6.40
N PRO A 96 0.03 21.60 -7.68
CA PRO A 96 1.38 21.47 -8.24
C PRO A 96 2.07 22.78 -8.65
N GLU A 102 7.08 29.08 -10.75
CA GLU A 102 7.83 29.99 -9.84
C GLU A 102 7.54 29.70 -8.36
N ARG A 103 8.60 29.69 -7.53
CA ARG A 103 8.59 29.35 -6.08
C ARG A 103 7.71 30.32 -5.27
N ALA A 104 7.89 31.64 -5.43
CA ALA A 104 7.08 32.69 -4.73
C ALA A 104 5.58 32.42 -4.94
N ASP A 105 5.21 32.00 -6.16
CA ASP A 105 3.81 31.67 -6.53
C ASP A 105 3.38 30.35 -5.87
N LEU A 106 4.25 29.35 -5.82
CA LEU A 106 3.89 28.04 -5.18
C LEU A 106 3.71 28.25 -3.67
N LEU A 107 4.56 29.03 -3.04
CA LEU A 107 4.51 29.30 -1.58
C LEU A 107 3.17 29.94 -1.20
N ALA A 108 2.70 30.91 -1.99
CA ALA A 108 1.43 31.64 -1.75
C ALA A 108 0.24 30.75 -2.14
N ASN A 109 0.32 30.11 -3.30
CA ASN A 109 -0.83 29.33 -3.84
C ASN A 109 -1.18 28.17 -2.90
N ASN A 110 -0.19 27.49 -2.32
CA ASN A 110 -0.44 26.37 -1.37
C ASN A 110 -0.51 26.92 0.06
N GLY A 111 0.21 28.01 0.34
CA GLY A 111 0.18 28.71 1.64
C GLY A 111 -1.22 29.00 2.13
N LYS A 112 -2.09 29.54 1.26
CA LYS A 112 -3.46 29.99 1.60
C LYS A 112 -4.39 28.81 1.99
N ILE A 113 -4.03 27.57 1.64
CA ILE A 113 -4.76 26.31 2.02
C ILE A 113 -4.48 26.00 3.49
N PHE A 114 -3.22 26.09 3.93
CA PHE A 114 -2.73 25.49 5.19
C PHE A 114 -3.04 26.39 6.40
N GLY A 115 -3.32 27.66 6.17
CA GLY A 115 -3.79 28.58 7.24
C GLY A 115 -5.15 28.13 7.76
N PRO A 116 -6.19 28.17 6.89
CA PRO A 116 -7.47 27.54 7.20
C PRO A 116 -7.41 26.12 7.77
N GLN A 117 -6.55 25.24 7.24
CA GLN A 117 -6.52 23.84 7.73
C GLN A 117 -5.95 23.81 9.15
N GLY A 118 -4.94 24.61 9.46
CA GLY A 118 -4.42 24.77 10.85
C GLY A 118 -5.48 25.25 11.82
N LYS A 119 -6.26 26.28 11.43
CA LYS A 119 -7.43 26.79 12.20
C LYS A 119 -8.45 25.66 12.46
N ALA A 120 -8.81 24.92 11.41
CA ALA A 120 -9.75 23.79 11.46
C ALA A 120 -9.21 22.74 12.46
N ILE A 121 -7.91 22.46 12.46
CA ILE A 121 -7.29 21.50 13.42
C ILE A 121 -7.45 22.10 14.81
N ASN A 122 -7.10 23.38 14.94
CA ASN A 122 -7.14 24.09 16.23
C ASN A 122 -8.54 23.94 16.82
N ASP A 123 -9.57 24.17 16.02
CA ASP A 123 -10.95 24.36 16.50
C ASP A 123 -11.65 23.02 16.77
N ASN A 124 -11.16 21.89 16.24
CA ASN A 124 -12.00 20.66 16.07
C ASN A 124 -11.27 19.38 16.48
N ALA A 125 -9.93 19.30 16.39
CA ALA A 125 -9.14 18.06 16.58
C ALA A 125 -9.12 17.67 18.07
N ALA A 126 -8.80 16.42 18.41
CA ALA A 126 -8.55 16.02 19.81
C ALA A 126 -7.31 16.73 20.40
N ASP A 127 -7.21 16.71 21.73
CA ASP A 127 -6.04 17.19 22.49
C ASP A 127 -4.73 16.54 22.00
N ASP A 128 -4.75 15.26 21.60
CA ASP A 128 -3.48 14.51 21.36
C ASP A 128 -3.07 14.60 19.89
N ILE A 129 -3.66 15.50 19.10
CA ILE A 129 -3.48 15.61 17.63
C ILE A 129 -1.98 15.59 17.29
N ARG A 130 -1.59 14.80 16.28
CA ARG A 130 -0.25 14.86 15.62
C ARG A 130 -0.51 15.08 14.14
N VAL A 131 0.15 16.07 13.54
CA VAL A 131 -0.07 16.49 12.14
C VAL A 131 1.24 16.34 11.37
N LEU A 132 1.24 15.54 10.31
CA LEU A 132 2.32 15.46 9.32
C LEU A 132 1.90 16.17 8.03
N VAL A 133 2.69 17.15 7.64
CA VAL A 133 2.49 17.97 6.41
C VAL A 133 3.35 17.41 5.29
N VAL A 134 2.70 16.90 4.26
CA VAL A 134 3.34 16.30 3.07
C VAL A 134 3.25 17.31 1.93
N GLY A 135 2.11 17.95 1.71
CA GLY A 135 1.93 18.92 0.61
C GLY A 135 3.04 19.96 0.57
N ASN A 136 3.59 20.24 -0.61
CA ASN A 136 4.72 21.18 -0.79
C ASN A 136 4.24 22.62 -0.94
N PRO A 137 5.08 23.63 -0.58
CA PRO A 137 6.38 23.42 0.08
C PRO A 137 6.25 23.00 1.56
N ALA A 138 6.66 21.77 1.90
CA ALA A 138 6.28 21.08 3.17
C ALA A 138 6.63 21.91 4.42
N ASN A 139 7.87 22.42 4.50
CA ASN A 139 8.43 23.01 5.75
C ASN A 139 7.69 24.32 6.07
N THR A 140 7.31 25.06 5.02
CA THR A 140 6.67 26.38 5.15
C THR A 140 5.17 26.16 5.36
N ASN A 141 4.60 25.10 4.76
CA ASN A 141 3.18 24.73 4.95
C ASN A 141 2.97 24.33 6.42
N ALA A 142 3.91 23.61 7.03
CA ALA A 142 3.83 23.29 8.48
C ALA A 142 3.88 24.58 9.30
N LEU A 143 4.78 25.51 8.96
CA LEU A 143 4.86 26.81 9.67
C LEU A 143 3.49 27.49 9.60
N ILE A 144 2.90 27.59 8.40
CA ILE A 144 1.61 28.30 8.22
C ILE A 144 0.50 27.60 9.04
N ALA A 145 0.40 26.28 8.96
CA ALA A 145 -0.65 25.52 9.68
C ALA A 145 -0.42 25.75 11.19
N SER A 146 0.80 25.74 11.65
CA SER A 146 1.08 25.83 13.11
C SER A 146 0.73 27.24 13.62
N ALA A 147 0.96 28.28 12.82
CA ALA A 147 0.66 29.70 13.17
C ALA A 147 -0.86 29.92 13.30
N ALA A 148 -1.69 29.14 12.60
CA ALA A 148 -3.17 29.23 12.61
C ALA A 148 -3.79 28.37 13.72
N ALA A 149 -2.94 27.77 14.59
CA ALA A 149 -3.33 26.84 15.65
C ALA A 149 -2.68 27.26 16.97
N PRO A 150 -3.08 28.44 17.54
CA PRO A 150 -2.49 28.96 18.78
C PRO A 150 -2.71 28.07 20.01
N ASP A 151 -3.72 27.20 20.01
CA ASP A 151 -4.07 26.32 21.17
C ASP A 151 -3.42 24.94 21.03
N VAL A 152 -2.68 24.69 19.94
CA VAL A 152 -1.98 23.40 19.67
C VAL A 152 -0.48 23.66 19.75
N PRO A 153 0.31 22.91 20.57
CA PRO A 153 1.75 23.10 20.58
C PRO A 153 2.34 22.95 19.16
N ALA A 154 3.27 23.82 18.77
CA ALA A 154 3.89 23.81 17.43
C ALA A 154 4.53 22.42 17.16
N SER A 155 5.02 21.74 18.18
CA SER A 155 5.65 20.39 18.08
C SER A 155 4.64 19.30 17.66
N ARG A 156 3.33 19.56 17.66
CA ARG A 156 2.36 18.60 17.11
C ARG A 156 2.30 18.73 15.58
N PHE A 157 2.98 19.70 14.99
CA PHE A 157 3.12 19.84 13.50
C PHE A 157 4.55 19.47 13.07
N ASN A 158 4.66 18.64 12.04
CA ASN A 158 5.93 18.20 11.41
C ASN A 158 5.78 18.39 9.90
N ALA A 159 6.89 18.60 9.19
CA ALA A 159 6.92 18.47 7.72
C ALA A 159 7.67 17.17 7.41
N MET A 160 7.34 16.55 6.28
CA MET A 160 7.94 15.26 5.90
C MET A 160 9.26 15.50 5.15
N MET A 161 10.32 15.03 5.78
CA MET A 161 11.63 14.92 5.13
C MET A 161 12.05 13.44 5.06
N ARG A 162 11.17 12.52 5.44
CA ARG A 162 11.47 11.06 5.50
C ARG A 162 11.74 10.47 4.12
N LEU A 163 11.15 10.99 3.05
CA LEU A 163 11.47 10.48 1.68
C LEU A 163 12.93 10.81 1.33
N ASP A 164 13.35 12.04 1.59
CA ASP A 164 14.75 12.50 1.44
C ASP A 164 15.66 11.55 2.24
N HIS A 165 15.26 11.24 3.46
CA HIS A 165 16.07 10.42 4.39
C HIS A 165 16.15 8.97 3.87
N ASN A 166 15.01 8.47 3.42
CA ASN A 166 14.89 7.10 2.87
C ASN A 166 15.73 7.06 1.57
N ARG A 167 15.72 8.10 0.75
CA ARG A 167 16.54 8.11 -0.50
C ARG A 167 18.03 8.09 -0.15
N ALA A 168 18.44 8.84 0.86
CA ALA A 168 19.85 8.92 1.26
C ALA A 168 20.34 7.52 1.68
N ILE A 169 19.57 6.84 2.51
CA ILE A 169 19.92 5.49 3.01
C ILE A 169 19.94 4.51 1.83
N SER A 170 19.01 4.62 0.89
CA SER A 170 18.94 3.67 -0.25
C SER A 170 20.16 3.85 -1.17
N GLN A 171 20.58 5.10 -1.45
CA GLN A 171 21.79 5.36 -2.30
C GLN A 171 23.04 4.90 -1.54
N LEU A 172 23.12 5.07 -0.21
CA LEU A 172 24.26 4.56 0.57
C LEU A 172 24.28 3.03 0.43
N ALA A 173 23.12 2.37 0.48
CA ALA A 173 23.00 0.90 0.48
C ALA A 173 23.52 0.36 -0.86
N THR A 174 23.03 0.92 -1.97
CA THR A 174 23.51 0.65 -3.36
C THR A 174 25.04 0.84 -3.42
N LYS A 175 25.55 2.02 -3.05
CA LYS A 175 27.00 2.34 -3.18
C LYS A 175 27.87 1.30 -2.45
N LEU A 176 27.50 0.89 -1.25
CA LEU A 176 28.36 0.02 -0.42
C LEU A 176 27.96 -1.45 -0.45
N GLY A 177 26.97 -1.82 -1.27
CA GLY A 177 26.36 -3.18 -1.30
C GLY A 177 25.97 -3.64 0.10
N ARG A 178 25.24 -2.82 0.85
CA ARG A 178 24.78 -3.12 2.23
C ARG A 178 23.24 -3.06 2.26
N GLY A 179 22.59 -3.72 3.22
CA GLY A 179 21.15 -3.56 3.51
C GLY A 179 20.88 -2.17 4.09
N SER A 180 19.81 -1.54 3.62
CA SER A 180 19.32 -0.22 4.09
C SER A 180 19.24 -0.20 5.64
N ALA A 181 18.76 -1.28 6.26
CA ALA A 181 18.63 -1.42 7.72
C ALA A 181 19.97 -1.41 8.47
N GLU A 182 21.13 -1.56 7.81
CA GLU A 182 22.44 -1.67 8.51
C GLU A 182 22.95 -0.26 8.90
N PHE A 183 22.40 0.80 8.31
CA PHE A 183 22.79 2.22 8.51
C PHE A 183 22.21 2.77 9.82
N ASN A 184 23.05 3.48 10.56
CA ASN A 184 22.67 4.21 11.79
C ASN A 184 23.05 5.69 11.63
N ASN A 185 22.34 6.58 12.31
CA ASN A 185 22.72 8.01 12.54
C ASN A 185 22.80 8.78 11.20
N ILE A 186 21.84 8.59 10.33
CA ILE A 186 21.62 9.42 9.11
C ILE A 186 20.72 10.61 9.47
N VAL A 187 21.11 11.80 9.04
CA VAL A 187 20.24 13.01 9.17
C VAL A 187 20.26 13.75 7.83
N VAL A 188 19.08 14.17 7.39
CA VAL A 188 18.91 15.18 6.29
C VAL A 188 18.46 16.47 6.97
N TRP A 189 19.40 17.42 7.13
CA TRP A 189 19.14 18.74 7.73
C TRP A 189 18.38 19.58 6.71
N GLY A 190 17.46 20.42 7.19
CA GLY A 190 17.09 21.68 6.53
C GLY A 190 15.71 21.65 5.94
N ASN A 191 15.64 22.09 4.70
CA ASN A 191 14.40 22.28 3.92
C ASN A 191 14.21 21.05 3.02
N HIS A 192 12.96 20.64 2.80
CA HIS A 192 12.55 19.75 1.69
C HIS A 192 12.68 20.50 0.35
N SER A 193 13.90 20.62 -0.18
CA SER A 193 14.23 21.24 -1.50
C SER A 193 15.60 20.72 -1.95
N ALA A 194 16.09 21.25 -3.06
CA ALA A 194 17.43 20.94 -3.62
C ALA A 194 18.55 21.47 -2.71
N THR A 195 18.26 22.34 -1.73
CA THR A 195 19.20 22.84 -0.70
C THR A 195 19.46 21.82 0.43
N GLN A 196 18.66 20.78 0.54
CA GLN A 196 18.76 19.80 1.66
C GLN A 196 20.17 19.21 1.77
N PHE A 197 20.54 18.83 3.00
CA PHE A 197 21.89 18.39 3.35
C PHE A 197 21.81 17.00 3.96
N PRO A 198 21.85 15.94 3.14
CA PRO A 198 21.98 14.57 3.64
C PRO A 198 23.40 14.39 4.20
N ASP A 199 23.51 14.23 5.51
CA ASP A 199 24.77 14.37 6.26
C ASP A 199 25.19 12.98 6.75
N ILE A 200 26.40 12.55 6.41
CA ILE A 200 26.94 11.21 6.81
C ILE A 200 28.01 11.36 7.90
N THR A 201 28.13 12.55 8.50
CA THR A 201 29.19 12.86 9.49
C THR A 201 29.19 11.82 10.64
N TYR A 202 28.02 11.38 11.09
CA TYR A 202 27.85 10.53 12.28
C TYR A 202 27.46 9.10 11.88
N ALA A 203 27.19 8.84 10.60
CA ALA A 203 26.56 7.59 10.13
C ALA A 203 27.55 6.41 10.24
N THR A 204 27.01 5.23 10.56
CA THR A 204 27.80 3.99 10.72
C THR A 204 27.12 2.90 9.89
N VAL A 205 27.89 1.88 9.51
CA VAL A 205 27.40 0.61 8.90
C VAL A 205 28.43 -0.48 9.22
N GLY A 206 27.97 -1.63 9.70
CA GLY A 206 28.87 -2.71 10.18
C GLY A 206 29.98 -2.20 11.08
N GLY A 207 29.68 -1.30 12.01
CA GLY A 207 30.63 -0.89 13.07
C GLY A 207 31.75 -0.02 12.55
N GLU A 208 31.60 0.52 11.34
CA GLU A 208 32.57 1.48 10.75
C GLU A 208 31.83 2.75 10.37
N LYS A 209 32.56 3.87 10.33
CA LYS A 209 32.06 5.19 9.91
C LYS A 209 31.87 5.16 8.42
N VAL A 210 30.70 5.58 7.96
CA VAL A 210 30.41 5.72 6.51
C VAL A 210 31.48 6.61 5.86
N THR A 211 31.98 7.64 6.55
CA THR A 211 32.96 8.60 5.95
C THR A 211 34.32 7.93 5.70
N ASP A 212 34.67 6.86 6.42
CA ASP A 212 35.85 6.01 6.17
C ASP A 212 35.62 5.10 4.96
N LEU A 213 34.39 4.92 4.47
CA LEU A 213 34.05 3.92 3.42
C LEU A 213 33.76 4.58 2.06
N VAL A 214 33.50 5.89 2.00
CA VAL A 214 33.19 6.54 0.70
C VAL A 214 34.16 7.70 0.51
N ASP A 215 34.46 7.99 -0.74
CA ASP A 215 35.29 9.15 -1.14
C ASP A 215 34.47 10.43 -0.84
N HIS A 216 35.10 11.35 -0.10
CA HIS A 216 34.50 12.63 0.35
C HIS A 216 33.98 13.42 -0.86
N ASP A 217 34.75 13.52 -1.93
CA ASP A 217 34.40 14.31 -3.15
C ASP A 217 33.23 13.67 -3.92
N TRP A 218 33.16 12.34 -4.00
CA TRP A 218 31.99 11.63 -4.59
C TRP A 218 30.75 11.95 -3.75
N TYR A 219 30.86 11.81 -2.43
CA TYR A 219 29.74 12.11 -1.49
C TYR A 219 29.21 13.53 -1.73
N VAL A 220 30.11 14.52 -1.74
CA VAL A 220 29.74 15.94 -1.86
C VAL A 220 29.19 16.23 -3.27
N GLU A 221 29.79 15.65 -4.31
CA GLU A 221 29.61 16.11 -5.72
C GLU A 221 28.66 15.16 -6.45
N GLU A 222 28.52 13.91 -6.00
CA GLU A 222 27.66 12.90 -6.67
C GLU A 222 26.44 12.59 -5.79
N PHE A 223 26.69 12.08 -4.59
CA PHE A 223 25.65 11.61 -3.63
C PHE A 223 24.67 12.72 -3.23
N ILE A 224 25.15 13.90 -2.85
CA ILE A 224 24.26 14.97 -2.32
C ILE A 224 23.29 15.38 -3.42
N PRO A 225 23.73 15.80 -4.62
CA PRO A 225 22.78 16.22 -5.65
C PRO A 225 21.87 15.09 -6.17
N ARG A 226 22.33 13.84 -6.12
CA ARG A 226 21.55 12.66 -6.55
C ARG A 226 20.36 12.45 -5.61
N VAL A 227 20.60 12.56 -4.31
CA VAL A 227 19.52 12.50 -3.28
C VAL A 227 18.63 13.74 -3.47
N ALA A 228 19.25 14.92 -3.47
CA ALA A 228 18.56 16.21 -3.49
C ALA A 228 17.75 16.38 -4.78
N ASN A 229 18.10 15.73 -5.89
CA ASN A 229 17.41 15.95 -7.20
C ASN A 229 16.67 14.67 -7.60
N ARG A 230 16.40 13.77 -6.64
CA ARG A 230 15.87 12.42 -6.96
C ARG A 230 14.44 12.53 -7.50
N GLY A 231 13.71 13.53 -7.00
CA GLY A 231 12.34 13.82 -7.42
C GLY A 231 12.29 14.02 -8.91
N ALA A 232 13.10 14.95 -9.41
CA ALA A 232 13.29 15.24 -10.84
C ALA A 232 13.65 13.94 -11.56
N GLU A 233 14.49 13.07 -10.96
CA GLU A 233 14.92 11.78 -11.57
C GLU A 233 13.72 10.83 -11.72
N ILE A 234 12.81 10.88 -10.76
CA ILE A 234 11.60 10.02 -10.77
C ILE A 234 10.65 10.58 -11.84
N ILE A 235 10.41 11.88 -11.86
CA ILE A 235 9.52 12.54 -12.88
C ILE A 235 10.05 12.17 -14.27
N GLU A 236 11.38 12.02 -14.43
CA GLU A 236 12.08 11.69 -15.71
C GLU A 236 11.78 10.25 -16.12
N VAL A 237 12.08 9.26 -15.28
CA VAL A 237 11.96 7.81 -15.65
C VAL A 237 10.49 7.38 -15.72
N ARG A 238 9.58 8.03 -14.97
CA ARG A 238 8.16 7.58 -14.85
C ARG A 238 7.20 8.53 -15.55
N GLY A 239 7.50 9.83 -15.69
CA GLY A 239 6.58 10.81 -16.29
C GLY A 239 5.50 11.24 -15.31
N LYS A 240 5.64 10.85 -14.04
CA LYS A 240 4.70 11.14 -12.92
C LYS A 240 5.52 11.25 -11.63
N SER A 241 5.38 12.33 -10.84
CA SER A 241 6.16 12.48 -9.57
C SER A 241 5.85 11.26 -8.69
N SER A 242 6.76 10.92 -7.80
CA SER A 242 6.63 9.77 -6.87
C SER A 242 5.29 9.86 -6.12
N ALA A 243 4.69 8.71 -5.87
CA ALA A 243 3.46 8.56 -5.07
C ALA A 243 3.70 7.47 -4.02
N ALA A 244 3.94 6.23 -4.45
CA ALA A 244 4.03 5.05 -3.57
C ALA A 244 5.13 5.26 -2.52
N SER A 245 6.28 5.78 -2.93
CA SER A 245 7.48 5.99 -2.08
C SER A 245 7.24 7.18 -1.14
N ALA A 246 6.47 8.19 -1.59
CA ALA A 246 6.11 9.37 -0.76
C ALA A 246 5.17 8.92 0.36
N ALA A 247 4.15 8.13 0.02
CA ALA A 247 3.20 7.48 0.96
C ALA A 247 3.95 6.58 1.96
N SER A 248 4.81 5.69 1.48
CA SER A 248 5.63 4.76 2.30
C SER A 248 6.43 5.55 3.36
N SER A 249 7.04 6.68 2.97
CA SER A 249 7.86 7.56 3.85
C SER A 249 6.95 8.25 4.87
N ALA A 250 5.74 8.64 4.46
CA ALA A 250 4.72 9.23 5.36
C ALA A 250 4.27 8.19 6.39
N ILE A 251 4.06 6.93 5.96
CA ILE A 251 3.76 5.82 6.91
C ILE A 251 4.93 5.69 7.90
N ASP A 252 6.17 5.69 7.41
CA ASP A 252 7.39 5.55 8.25
C ASP A 252 7.42 6.63 9.32
N HIS A 253 7.21 7.89 8.93
CA HIS A 253 7.29 9.07 9.84
C HIS A 253 6.26 8.94 10.97
N MET A 254 4.99 8.69 10.63
CA MET A 254 3.86 8.69 11.59
C MET A 254 3.99 7.47 12.51
N ARG A 255 4.35 6.31 11.96
CA ARG A 255 4.60 5.04 12.70
C ARG A 255 5.66 5.34 13.77
N ASP A 256 6.82 5.84 13.32
CA ASP A 256 7.97 6.17 14.16
C ASP A 256 7.58 7.19 15.23
N TRP A 257 6.91 8.26 14.82
CA TRP A 257 6.36 9.29 15.76
C TRP A 257 5.55 8.63 16.91
N VAL A 258 4.61 7.74 16.56
CA VAL A 258 3.63 7.12 17.50
C VAL A 258 4.26 5.96 18.28
N GLN A 259 5.04 5.09 17.63
CA GLN A 259 5.52 3.81 18.22
C GLN A 259 6.92 3.95 18.83
N GLY A 260 7.67 5.00 18.46
CA GLY A 260 9.04 5.21 18.96
C GLY A 260 10.09 4.60 18.05
N THR A 261 11.28 5.17 18.06
CA THR A 261 12.43 4.60 17.33
C THR A 261 13.68 4.97 18.11
N GLU A 262 14.72 4.14 18.02
CA GLU A 262 16.09 4.48 18.47
C GLU A 262 16.91 4.97 17.27
N ALA A 263 16.41 4.83 16.05
CA ALA A 263 17.11 5.27 14.81
C ALA A 263 16.84 6.75 14.53
N TRP A 264 17.85 7.50 14.13
CA TRP A 264 17.65 8.91 13.72
C TRP A 264 16.73 8.86 12.49
N SER A 265 15.75 9.76 12.42
CA SER A 265 14.61 9.63 11.47
C SER A 265 14.43 10.88 10.58
N SER A 266 15.15 11.96 10.85
CA SER A 266 14.99 13.23 10.08
C SER A 266 13.53 13.73 10.12
N ALA A 267 12.93 13.92 11.28
CA ALA A 267 11.66 14.69 11.37
C ALA A 267 11.98 16.15 11.08
N ALA A 268 11.21 16.85 10.22
CA ALA A 268 11.25 18.34 10.17
C ALA A 268 10.32 18.89 11.28
N ILE A 269 10.92 19.44 12.35
CA ILE A 269 10.22 19.85 13.59
C ILE A 269 10.48 21.33 13.84
N PRO A 270 9.73 21.98 14.76
CA PRO A 270 9.94 23.40 15.05
C PRO A 270 11.36 23.59 15.56
N SER A 271 12.07 24.55 14.99
CA SER A 271 13.42 24.93 15.49
C SER A 271 13.31 25.44 16.94
N THR A 272 14.12 24.88 17.81
CA THR A 272 14.25 25.34 19.22
C THR A 272 15.39 26.35 19.35
N GLY A 273 16.11 26.68 18.26
CA GLY A 273 17.41 27.38 18.29
C GLY A 273 18.62 26.45 18.44
N ALA A 274 18.40 25.13 18.45
CA ALA A 274 19.49 24.12 18.50
C ALA A 274 20.38 24.24 17.26
N TYR A 275 21.68 23.96 17.45
CA TYR A 275 22.68 23.91 16.36
C TYR A 275 22.67 25.26 15.60
N GLY A 276 22.36 26.36 16.28
CA GLY A 276 22.45 27.72 15.74
C GLY A 276 21.48 27.94 14.60
N ILE A 277 20.35 27.23 14.62
CA ILE A 277 19.25 27.42 13.65
C ILE A 277 18.25 28.34 14.33
N PRO A 278 17.92 29.50 13.71
CA PRO A 278 16.96 30.42 14.31
C PRO A 278 15.58 29.77 14.56
N GLU A 279 14.89 30.27 15.59
CA GLU A 279 13.52 29.83 15.96
C GLU A 279 12.57 30.39 14.90
N GLY A 280 11.41 29.77 14.77
CA GLY A 280 10.33 30.23 13.87
C GLY A 280 10.32 29.52 12.52
N ILE A 281 11.08 28.44 12.35
CA ILE A 281 11.01 27.60 11.12
C ILE A 281 10.88 26.11 11.47
N PHE A 282 10.39 25.32 10.52
CA PHE A 282 10.33 23.84 10.59
C PHE A 282 11.49 23.27 9.75
N VAL A 283 12.31 22.45 10.38
CA VAL A 283 13.64 22.13 9.83
C VAL A 283 13.99 20.67 10.16
N GLY A 284 14.51 19.92 9.17
CA GLY A 284 14.99 18.55 9.41
C GLY A 284 16.14 18.58 10.38
N LEU A 285 16.16 17.66 11.36
CA LEU A 285 17.13 17.65 12.48
C LEU A 285 17.38 16.20 12.84
N PRO A 286 18.52 15.90 13.50
CA PRO A 286 18.79 14.56 14.03
C PRO A 286 17.84 14.30 15.21
N THR A 287 16.92 13.37 15.01
CA THR A 287 15.70 13.21 15.82
C THR A 287 15.38 11.74 16.01
N VAL A 288 15.04 11.38 17.24
CA VAL A 288 14.49 10.06 17.61
C VAL A 288 13.18 10.33 18.33
N SER A 289 12.36 9.31 18.42
CA SER A 289 10.99 9.30 18.95
C SER A 289 10.93 8.46 20.23
N ARG A 290 10.49 9.09 21.31
CA ARG A 290 10.25 8.44 22.63
C ARG A 290 8.94 8.98 23.15
N ASN A 291 8.07 8.06 23.59
CA ASN A 291 6.78 8.38 24.24
C ASN A 291 6.03 9.44 23.43
N GLY A 292 5.94 9.28 22.11
CA GLY A 292 5.03 10.07 21.27
C GLY A 292 5.62 11.41 20.90
N GLU A 293 6.88 11.69 21.23
CA GLU A 293 7.55 13.00 20.95
C GLU A 293 8.88 12.79 20.22
N TRP A 294 9.14 13.62 19.20
CA TRP A 294 10.48 13.74 18.60
C TRP A 294 11.41 14.38 19.62
N GLU A 295 12.62 13.86 19.72
CA GLU A 295 13.67 14.38 20.62
C GLU A 295 14.89 14.70 19.76
N ILE A 296 15.35 15.94 19.80
CA ILE A 296 16.57 16.37 19.06
C ILE A 296 17.78 15.70 19.72
N VAL A 297 18.66 15.11 18.90
CA VAL A 297 19.92 14.52 19.42
C VAL A 297 20.84 15.68 19.78
N GLU A 298 21.20 15.80 21.06
CA GLU A 298 21.97 16.98 21.58
C GLU A 298 23.47 16.67 21.57
N GLY A 299 24.29 17.72 21.56
CA GLY A 299 25.72 17.64 21.86
C GLY A 299 26.55 17.22 20.67
N LEU A 300 25.99 17.23 19.47
CA LEU A 300 26.78 16.84 18.27
C LEU A 300 27.77 17.96 17.97
N GLU A 301 28.99 17.66 17.50
CA GLU A 301 29.97 18.66 16.99
C GLU A 301 29.67 18.96 15.53
N ILE A 302 29.71 20.23 15.15
CA ILE A 302 29.37 20.73 13.78
C ILE A 302 30.65 21.27 13.14
N SER A 303 31.12 20.60 12.10
CA SER A 303 32.28 21.00 11.28
C SER A 303 31.91 22.24 10.44
N ASP A 304 32.91 22.98 9.98
CA ASP A 304 32.73 24.13 9.06
C ASP A 304 31.98 23.64 7.82
N PHE A 305 32.31 22.45 7.28
CA PHE A 305 31.62 21.79 6.16
C PHE A 305 30.11 21.73 6.44
N GLN A 306 29.72 21.18 7.59
CA GLN A 306 28.29 20.99 7.99
C GLN A 306 27.61 22.37 8.14
N ARG A 307 28.27 23.28 8.85
CA ARG A 307 27.77 24.65 9.16
C ARG A 307 27.35 25.38 7.87
N ALA A 308 28.18 25.46 6.85
CA ALA A 308 27.80 26.12 5.58
C ALA A 308 26.46 25.56 5.05
N ARG A 309 26.26 24.24 5.08
CA ARG A 309 25.10 23.57 4.44
C ARG A 309 23.89 23.72 5.36
N ILE A 310 24.08 23.59 6.69
CA ILE A 310 22.97 23.85 7.66
C ILE A 310 22.56 25.32 7.57
N ASP A 311 23.51 26.25 7.53
CA ASP A 311 23.16 27.69 7.45
C ASP A 311 22.43 27.97 6.13
N ALA A 312 22.80 27.32 5.03
CA ALA A 312 22.17 27.63 3.72
C ALA A 312 20.68 27.22 3.75
N ASN A 313 20.37 26.11 4.41
CA ASN A 313 18.99 25.63 4.64
C ASN A 313 18.21 26.56 5.58
N ALA A 314 18.75 26.90 6.75
CA ALA A 314 18.14 27.87 7.71
C ALA A 314 17.78 29.17 6.98
N GLN A 315 18.65 29.64 6.09
CA GLN A 315 18.53 30.97 5.43
C GLN A 315 17.43 30.89 4.39
N GLU A 316 17.36 29.77 3.67
CA GLU A 316 16.28 29.46 2.70
C GLU A 316 14.92 29.42 3.41
N LEU A 317 14.85 28.80 4.59
CA LEU A 317 13.60 28.66 5.35
C LEU A 317 13.14 30.04 5.85
N GLN A 318 14.09 30.93 6.20
CA GLN A 318 13.80 32.32 6.62
C GLN A 318 13.31 33.11 5.42
N ALA A 319 13.86 32.86 4.23
CA ALA A 319 13.40 33.48 2.95
C ALA A 319 11.93 33.12 2.78
N GLU A 320 11.61 31.82 2.80
CA GLU A 320 10.25 31.25 2.54
C GLU A 320 9.27 31.87 3.56
N ARG A 321 9.64 31.86 4.83
CA ARG A 321 8.80 32.38 5.93
C ARG A 321 8.47 33.86 5.66
N GLU A 322 9.42 34.63 5.16
CA GLU A 322 9.21 36.08 4.89
C GLU A 322 8.29 36.21 3.69
N ALA A 323 8.39 35.31 2.72
CA ALA A 323 7.51 35.30 1.51
C ALA A 323 6.04 35.05 1.91
N VAL A 324 5.77 34.36 3.02
CA VAL A 324 4.39 33.92 3.39
C VAL A 324 3.97 34.59 4.69
N ARG A 325 4.69 35.61 5.10
CA ARG A 325 4.51 36.28 6.42
C ARG A 325 3.05 36.73 6.62
N ASP A 326 2.39 37.26 5.58
CA ASP A 326 1.00 37.75 5.67
C ASP A 326 -0.02 36.58 5.69
N LEU A 327 0.42 35.35 5.47
CA LEU A 327 -0.45 34.15 5.51
C LEU A 327 -0.42 33.53 6.91
N LEU A 328 0.38 34.08 7.80
CA LEU A 328 0.42 33.59 9.20
C LEU A 328 -0.79 34.23 9.92
N LEU A 329 -1.83 33.45 10.20
CA LEU A 329 -3.13 33.94 10.75
C LEU A 329 -2.99 34.62 12.11
N GLU A 330 -2.18 34.07 13.01
CA GLU A 330 -1.96 34.72 14.31
C GLU A 330 -0.54 35.27 14.28
N SER B 8 17.18 -16.75 4.91
CA SER B 8 15.80 -17.31 4.76
C SER B 8 14.98 -16.46 3.78
N THR B 9 15.61 -15.92 2.73
CA THR B 9 15.02 -14.89 1.82
C THR B 9 13.98 -15.53 0.90
N LYS B 10 12.77 -14.96 0.85
CA LYS B 10 11.69 -15.39 -0.04
C LYS B 10 11.81 -14.62 -1.36
N LYS B 11 11.87 -15.36 -2.44
CA LYS B 11 11.90 -14.77 -3.81
C LYS B 11 10.46 -14.72 -4.27
N VAL B 12 10.01 -13.53 -4.64
CA VAL B 12 8.60 -13.23 -4.95
C VAL B 12 8.56 -12.58 -6.34
N THR B 13 7.91 -13.23 -7.28
CA THR B 13 7.72 -12.72 -8.65
C THR B 13 6.37 -12.05 -8.73
N VAL B 14 6.34 -10.87 -9.35
CA VAL B 14 5.12 -10.11 -9.65
C VAL B 14 5.14 -9.81 -11.15
N THR B 15 4.19 -10.31 -11.92
CA THR B 15 4.05 -9.99 -13.36
C THR B 15 3.16 -8.77 -13.48
N GLY B 16 3.08 -8.20 -14.68
CA GLY B 16 2.38 -6.93 -14.86
C GLY B 16 2.89 -5.89 -13.87
N ALA B 17 4.20 -5.79 -13.63
CA ALA B 17 4.79 -4.95 -12.55
C ALA B 17 4.67 -3.45 -12.82
N ALA B 18 4.39 -3.00 -14.05
CA ALA B 18 4.22 -1.56 -14.36
C ALA B 18 2.74 -1.15 -14.30
N GLY B 19 1.82 -2.06 -13.97
CA GLY B 19 0.37 -1.77 -13.92
C GLY B 19 -0.11 -1.20 -12.59
N GLN B 20 -1.41 -0.91 -12.56
CA GLN B 20 -2.18 -0.28 -11.45
C GLN B 20 -2.20 -1.20 -10.22
N ILE B 21 -2.50 -2.48 -10.40
CA ILE B 21 -2.63 -3.40 -9.23
C ILE B 21 -1.27 -3.56 -8.57
N SER B 22 -0.26 -3.87 -9.36
CA SER B 22 1.14 -4.06 -8.91
C SER B 22 1.64 -2.81 -8.18
N TYR B 23 1.35 -1.61 -8.67
CA TYR B 23 1.73 -0.36 -7.95
C TYR B 23 1.21 -0.38 -6.50
N SER B 24 -0.01 -0.87 -6.25
CA SER B 24 -0.57 -1.02 -4.88
C SER B 24 0.03 -2.25 -4.20
N LEU B 25 0.28 -3.33 -4.97
CA LEU B 25 0.69 -4.63 -4.40
C LEU B 25 2.08 -4.57 -3.78
N LEU B 26 3.08 -4.06 -4.52
CA LEU B 26 4.52 -4.32 -4.21
C LEU B 26 4.92 -3.73 -2.84
N TRP B 27 4.40 -2.56 -2.45
CA TRP B 27 4.73 -1.93 -1.15
C TRP B 27 4.20 -2.79 0.01
N ARG B 28 3.16 -3.60 -0.20
CA ARG B 28 2.58 -4.43 0.90
C ARG B 28 3.09 -5.88 0.85
N ILE B 29 3.99 -6.21 -0.07
CA ILE B 29 4.86 -7.40 0.03
C ILE B 29 6.13 -6.95 0.75
N ALA B 30 6.71 -5.81 0.34
CA ALA B 30 8.03 -5.33 0.82
C ALA B 30 7.98 -5.02 2.32
N ASN B 31 6.82 -4.63 2.85
CA ASN B 31 6.67 -4.20 4.27
C ASN B 31 6.62 -5.42 5.20
N GLY B 32 6.62 -6.66 4.68
CA GLY B 32 6.59 -7.91 5.47
C GLY B 32 5.19 -8.41 5.79
N GLU B 33 4.15 -7.83 5.19
CA GLU B 33 2.70 -8.19 5.43
C GLU B 33 2.41 -9.63 5.00
N VAL B 34 3.05 -10.14 3.94
CA VAL B 34 2.75 -11.49 3.35
C VAL B 34 3.51 -12.57 4.10
N PHE B 35 4.84 -12.52 4.14
CA PHE B 35 5.65 -13.63 4.70
C PHE B 35 6.00 -13.41 6.18
N GLY B 36 5.76 -12.21 6.73
CA GLY B 36 6.13 -11.87 8.11
C GLY B 36 7.19 -10.79 8.22
N THR B 37 7.14 -10.03 9.31
CA THR B 37 8.02 -8.87 9.60
C THR B 37 9.47 -9.31 9.88
N ASP B 38 9.79 -10.60 10.05
CA ASP B 38 11.19 -11.03 10.24
C ASP B 38 11.67 -11.85 9.03
N THR B 39 10.95 -11.83 7.91
CA THR B 39 11.28 -12.59 6.67
C THR B 39 11.69 -11.65 5.55
N PRO B 40 12.99 -11.62 5.18
CA PRO B 40 13.46 -10.79 4.07
C PRO B 40 12.97 -11.28 2.71
N VAL B 41 12.81 -10.36 1.78
CA VAL B 41 12.23 -10.71 0.46
C VAL B 41 13.08 -10.10 -0.65
N GLU B 42 12.96 -10.69 -1.84
CA GLU B 42 13.50 -10.17 -3.11
C GLU B 42 12.34 -10.09 -4.08
N LEU B 43 12.14 -8.94 -4.72
CA LEU B 43 11.07 -8.74 -5.72
C LEU B 43 11.65 -8.91 -7.12
N LYS B 44 11.04 -9.81 -7.87
CA LYS B 44 11.38 -10.12 -9.27
C LYS B 44 10.23 -9.61 -10.13
N LEU B 45 10.43 -8.53 -10.85
CA LEU B 45 9.35 -7.89 -11.61
C LEU B 45 9.41 -8.39 -13.05
N LEU B 46 8.29 -8.85 -13.59
CA LEU B 46 8.23 -9.26 -15.01
C LEU B 46 7.30 -8.31 -15.74
N GLU B 47 7.76 -7.78 -16.87
CA GLU B 47 6.88 -7.04 -17.79
C GLU B 47 7.15 -7.48 -19.21
N ILE B 48 6.34 -6.96 -20.13
CA ILE B 48 6.57 -7.02 -21.59
C ILE B 48 7.61 -5.95 -21.92
N PRO B 49 8.38 -6.18 -23.01
CA PRO B 49 9.44 -5.24 -23.41
C PRO B 49 8.98 -3.77 -23.45
N GLN B 50 7.78 -3.48 -23.95
CA GLN B 50 7.29 -2.09 -24.15
C GLN B 50 7.08 -1.37 -22.80
N ALA B 51 6.96 -2.10 -21.69
CA ALA B 51 6.57 -1.54 -20.36
C ALA B 51 7.76 -1.63 -19.39
N LEU B 52 8.94 -1.98 -19.88
CA LEU B 52 10.12 -2.31 -19.05
C LEU B 52 10.66 -1.02 -18.39
N GLY B 53 10.50 0.13 -19.06
CA GLY B 53 10.80 1.48 -18.53
C GLY B 53 9.90 1.84 -17.36
N GLY B 54 8.60 1.60 -17.49
CA GLY B 54 7.63 1.68 -16.38
C GLY B 54 8.16 0.91 -15.18
N ALA B 55 8.58 -0.32 -15.41
CA ALA B 55 9.00 -1.24 -14.33
C ALA B 55 10.28 -0.73 -13.66
N GLU B 56 11.18 -0.09 -14.43
CA GLU B 56 12.42 0.53 -13.91
C GLU B 56 12.06 1.65 -12.91
N GLY B 57 11.15 2.55 -13.28
CA GLY B 57 10.63 3.57 -12.36
C GLY B 57 10.08 2.97 -11.06
N VAL B 58 9.32 1.88 -11.11
CA VAL B 58 8.75 1.33 -9.85
C VAL B 58 9.88 0.70 -9.04
N ALA B 59 10.91 0.09 -9.66
CA ALA B 59 12.05 -0.49 -8.90
C ALA B 59 12.80 0.62 -8.16
N MET B 60 12.93 1.78 -8.82
CA MET B 60 13.55 3.01 -8.24
C MET B 60 12.73 3.54 -7.05
N GLU B 61 11.41 3.64 -7.18
CA GLU B 61 10.54 4.03 -6.03
C GLU B 61 10.65 3.00 -4.87
N LEU B 62 10.75 1.71 -5.17
CA LEU B 62 10.87 0.64 -4.13
C LEU B 62 12.18 0.81 -3.34
N LEU B 63 13.26 1.07 -4.06
CA LEU B 63 14.61 1.26 -3.48
C LEU B 63 14.55 2.43 -2.51
N ASP B 64 13.99 3.54 -3.00
CA ASP B 64 13.84 4.85 -2.31
C ASP B 64 12.99 4.74 -1.04
N SER B 65 12.20 3.67 -0.88
CA SER B 65 11.35 3.42 0.32
C SER B 65 12.19 2.80 1.46
N ALA B 66 13.38 2.32 1.17
CA ALA B 66 14.32 1.81 2.21
C ALA B 66 13.59 0.81 3.08
N PHE B 67 12.93 -0.19 2.49
CA PHE B 67 12.31 -1.31 3.24
C PHE B 67 13.41 -2.15 3.85
N PRO B 68 13.48 -2.32 5.18
CA PRO B 68 14.51 -3.16 5.75
C PRO B 68 14.50 -4.61 5.24
N LEU B 69 13.32 -5.17 4.93
CA LEU B 69 13.19 -6.58 4.50
C LEU B 69 13.51 -6.77 3.01
N LEU B 70 13.52 -5.70 2.22
CA LEU B 70 13.70 -5.79 0.74
C LEU B 70 15.20 -5.83 0.41
N ARG B 71 15.72 -7.03 0.16
CA ARG B 71 17.17 -7.31 0.00
C ARG B 71 17.58 -7.17 -1.46
N ASN B 72 16.68 -7.28 -2.43
CA ASN B 72 17.08 -7.18 -3.86
C ASN B 72 15.85 -6.95 -4.73
N ILE B 73 16.01 -6.26 -5.87
CA ILE B 73 14.93 -5.96 -6.85
C ILE B 73 15.46 -6.21 -8.25
N THR B 74 14.86 -7.12 -9.03
CA THR B 74 15.25 -7.47 -10.42
C THR B 74 14.06 -7.15 -11.35
N ILE B 75 14.34 -6.61 -12.54
CA ILE B 75 13.33 -6.21 -13.56
C ILE B 75 13.72 -6.94 -14.83
N THR B 76 12.76 -7.59 -15.51
CA THR B 76 13.06 -8.40 -16.70
C THR B 76 11.82 -8.51 -17.59
N ALA B 77 12.04 -8.75 -18.89
CA ALA B 77 11.01 -9.27 -19.83
C ALA B 77 11.23 -10.77 -20.09
N ASP B 78 12.15 -11.44 -19.40
CA ASP B 78 12.42 -12.89 -19.59
C ASP B 78 11.78 -13.71 -18.47
N ALA B 79 10.79 -14.54 -18.79
CA ALA B 79 9.97 -15.25 -17.79
C ALA B 79 10.85 -16.22 -17.00
N ASN B 80 11.92 -16.73 -17.63
CA ASN B 80 12.85 -17.70 -17.00
C ASN B 80 13.62 -17.00 -15.89
N GLU B 81 14.11 -15.80 -16.19
CA GLU B 81 14.82 -14.89 -15.26
C GLU B 81 13.84 -14.51 -14.12
N ALA B 82 12.63 -14.07 -14.45
CA ALA B 82 11.64 -13.55 -13.47
C ALA B 82 11.23 -14.65 -12.47
N PHE B 83 11.12 -15.91 -12.91
CA PHE B 83 10.60 -17.03 -12.06
C PHE B 83 11.73 -17.83 -11.42
N ASP B 84 13.00 -17.48 -11.70
CA ASP B 84 14.20 -18.22 -11.23
C ASP B 84 14.23 -18.21 -9.70
N GLY B 85 14.12 -19.41 -9.09
CA GLY B 85 14.14 -19.61 -7.63
C GLY B 85 12.89 -19.11 -6.93
N ALA B 86 11.85 -18.67 -7.65
CA ALA B 86 10.65 -18.02 -7.05
C ALA B 86 10.01 -18.96 -6.00
N ASN B 87 9.69 -18.41 -4.82
CA ASN B 87 8.94 -19.12 -3.74
C ASN B 87 7.45 -18.74 -3.81
N ALA B 88 7.11 -17.55 -4.33
CA ALA B 88 5.73 -17.10 -4.57
C ALA B 88 5.67 -16.24 -5.83
N ALA B 89 4.53 -16.26 -6.49
CA ALA B 89 4.26 -15.53 -7.76
C ALA B 89 2.86 -14.94 -7.69
N PHE B 90 2.74 -13.67 -8.07
CA PHE B 90 1.46 -12.96 -8.24
C PHE B 90 1.36 -12.75 -9.76
N LEU B 91 0.53 -13.52 -10.46
CA LEU B 91 0.43 -13.37 -11.94
C LEU B 91 -0.62 -12.32 -12.19
N VAL B 92 -0.20 -11.07 -12.25
CA VAL B 92 -1.10 -9.91 -12.36
C VAL B 92 -1.16 -9.43 -13.82
N GLY B 93 -0.10 -9.70 -14.56
CA GLY B 93 0.01 -9.29 -15.97
C GLY B 93 -1.07 -9.92 -16.83
N ALA B 94 -1.81 -9.09 -17.53
CA ALA B 94 -2.86 -9.48 -18.51
C ALA B 94 -3.41 -8.17 -19.08
N LYS B 95 -4.19 -8.22 -20.16
CA LYS B 95 -4.92 -7.00 -20.64
C LYS B 95 -6.32 -6.97 -20.02
N PRO B 96 -6.70 -5.91 -19.24
CA PRO B 96 -8.10 -5.72 -18.82
C PRO B 96 -9.12 -5.48 -19.95
N GLU B 102 -15.76 -9.05 -26.43
CA GLU B 102 -16.41 -10.37 -26.17
C GLU B 102 -15.53 -11.23 -25.26
N ARG B 103 -16.17 -12.13 -24.50
CA ARG B 103 -15.57 -13.00 -23.45
C ARG B 103 -14.61 -14.03 -24.08
N ALA B 104 -15.01 -14.71 -25.16
CA ALA B 104 -14.19 -15.71 -25.92
C ALA B 104 -12.86 -15.07 -26.36
N ASP B 105 -12.90 -13.80 -26.77
CA ASP B 105 -11.71 -13.00 -27.14
C ASP B 105 -10.80 -12.89 -25.92
N LEU B 106 -11.34 -12.57 -24.74
CA LEU B 106 -10.56 -12.39 -23.49
C LEU B 106 -9.99 -13.74 -23.01
N LEU B 107 -10.75 -14.82 -23.12
CA LEU B 107 -10.27 -16.16 -22.66
C LEU B 107 -8.99 -16.52 -23.42
N ALA B 108 -8.98 -16.27 -24.74
CA ALA B 108 -7.89 -16.66 -25.66
C ALA B 108 -6.80 -15.58 -25.62
N ASN B 109 -7.18 -14.30 -25.64
CA ASN B 109 -6.20 -13.19 -25.69
C ASN B 109 -5.33 -13.22 -24.42
N ASN B 110 -5.86 -13.58 -23.26
CA ASN B 110 -5.06 -13.62 -22.00
C ASN B 110 -4.61 -15.05 -21.74
N GLY B 111 -5.41 -16.01 -22.18
CA GLY B 111 -5.07 -17.45 -22.11
C GLY B 111 -3.69 -17.74 -22.65
N LYS B 112 -3.35 -17.21 -23.82
CA LYS B 112 -2.03 -17.47 -24.44
C LYS B 112 -0.85 -16.93 -23.60
N ILE B 113 -1.03 -16.03 -22.64
CA ILE B 113 0.05 -15.54 -21.71
C ILE B 113 0.39 -16.67 -20.73
N PHE B 114 -0.62 -17.39 -20.22
CA PHE B 114 -0.52 -18.13 -18.94
C PHE B 114 0.09 -19.51 -19.18
N GLY B 115 0.00 -20.00 -20.42
CA GLY B 115 0.67 -21.25 -20.79
C GLY B 115 2.18 -21.12 -20.67
N PRO B 116 2.82 -20.22 -21.46
CA PRO B 116 4.24 -19.92 -21.27
C PRO B 116 4.63 -19.58 -19.82
N GLN B 117 3.81 -18.83 -19.07
CA GLN B 117 4.19 -18.44 -17.69
C GLN B 117 4.16 -19.67 -16.82
N GLY B 118 3.20 -20.56 -17.01
CA GLY B 118 3.15 -21.84 -16.30
C GLY B 118 4.35 -22.72 -16.59
N LYS B 119 4.74 -22.82 -17.86
CA LYS B 119 5.99 -23.51 -18.30
C LYS B 119 7.24 -22.92 -17.59
N ALA B 120 7.35 -21.60 -17.57
CA ALA B 120 8.50 -20.87 -16.97
C ALA B 120 8.53 -21.17 -15.45
N ILE B 121 7.37 -21.20 -14.80
CA ILE B 121 7.25 -21.57 -13.36
C ILE B 121 7.75 -23.02 -13.23
N ASN B 122 7.22 -23.90 -14.05
CA ASN B 122 7.57 -25.34 -14.01
C ASN B 122 9.09 -25.50 -14.09
N ASP B 123 9.72 -24.78 -15.02
CA ASP B 123 11.13 -25.05 -15.40
C ASP B 123 12.09 -24.30 -14.45
N ASN B 124 11.64 -23.32 -13.66
CA ASN B 124 12.59 -22.36 -13.01
C ASN B 124 12.32 -22.13 -11.53
N ALA B 125 11.08 -22.31 -11.03
CA ALA B 125 10.65 -21.86 -9.69
C ALA B 125 11.21 -22.84 -8.65
N ALA B 126 11.26 -22.47 -7.36
CA ALA B 126 11.65 -23.38 -6.26
C ALA B 126 10.62 -24.51 -6.13
N ASP B 127 10.98 -25.56 -5.37
CA ASP B 127 10.08 -26.68 -5.01
C ASP B 127 8.85 -26.17 -4.27
N ASP B 128 8.94 -25.09 -3.49
CA ASP B 128 7.86 -24.70 -2.55
C ASP B 128 6.94 -23.65 -3.19
N ILE B 129 7.11 -23.35 -4.47
CA ILE B 129 6.33 -22.31 -5.21
C ILE B 129 4.84 -22.34 -4.83
N ARG B 130 4.27 -21.16 -4.54
CA ARG B 130 2.82 -20.91 -4.58
C ARG B 130 2.50 -19.78 -5.57
N VAL B 131 1.47 -19.99 -6.39
CA VAL B 131 1.10 -19.06 -7.50
C VAL B 131 -0.36 -18.59 -7.31
N LEU B 132 -0.55 -17.29 -7.17
CA LEU B 132 -1.87 -16.64 -7.21
C LEU B 132 -2.04 -15.92 -8.55
N VAL B 133 -3.05 -16.32 -9.29
CA VAL B 133 -3.51 -15.69 -10.56
C VAL B 133 -4.60 -14.66 -10.26
N VAL B 134 -4.26 -13.41 -10.54
CA VAL B 134 -5.12 -12.21 -10.45
C VAL B 134 -5.63 -11.90 -11.86
N GLY B 135 -4.75 -11.92 -12.87
CA GLY B 135 -5.14 -11.60 -14.27
C GLY B 135 -6.36 -12.38 -14.74
N ASN B 136 -7.32 -11.66 -15.34
CA ASN B 136 -8.62 -12.18 -15.83
C ASN B 136 -8.52 -12.86 -17.19
N PRO B 137 -9.36 -13.89 -17.47
CA PRO B 137 -10.25 -14.52 -16.48
C PRO B 137 -9.56 -15.46 -15.48
N ALA B 138 -9.57 -15.12 -14.19
CA ALA B 138 -8.59 -15.65 -13.20
C ALA B 138 -8.66 -17.18 -13.13
N ASN B 139 -9.85 -17.76 -12.97
CA ASN B 139 -9.99 -19.22 -12.68
C ASN B 139 -9.50 -20.03 -13.88
N THR B 140 -9.76 -19.56 -15.11
CA THR B 140 -9.34 -20.28 -16.33
C THR B 140 -7.86 -20.01 -16.61
N ASN B 141 -7.35 -18.81 -16.31
CA ASN B 141 -5.90 -18.53 -16.42
C ASN B 141 -5.13 -19.44 -15.47
N ALA B 142 -5.64 -19.75 -14.28
CA ALA B 142 -4.93 -20.66 -13.34
C ALA B 142 -4.94 -22.07 -13.92
N LEU B 143 -6.04 -22.47 -14.58
CA LEU B 143 -6.12 -23.81 -15.24
C LEU B 143 -5.02 -23.92 -16.30
N ILE B 144 -4.98 -22.97 -17.24
CA ILE B 144 -3.97 -22.95 -18.32
C ILE B 144 -2.55 -22.99 -17.74
N ALA B 145 -2.26 -22.16 -16.74
CA ALA B 145 -0.94 -22.07 -16.09
C ALA B 145 -0.60 -23.45 -15.51
N SER B 146 -1.51 -24.03 -14.76
CA SER B 146 -1.23 -25.32 -14.06
C SER B 146 -0.98 -26.42 -15.11
N ALA B 147 -1.70 -26.41 -16.24
CA ALA B 147 -1.65 -27.47 -17.29
C ALA B 147 -0.30 -27.43 -18.02
N ALA B 148 0.36 -26.26 -18.07
CA ALA B 148 1.73 -26.12 -18.61
C ALA B 148 2.81 -26.46 -17.57
N ALA B 149 2.46 -26.92 -16.38
CA ALA B 149 3.40 -27.16 -15.27
C ALA B 149 3.19 -28.57 -14.73
N PRO B 150 3.59 -29.61 -15.51
CA PRO B 150 3.31 -30.99 -15.12
C PRO B 150 4.11 -31.43 -13.88
N ASP B 151 5.20 -30.73 -13.54
CA ASP B 151 6.12 -31.11 -12.42
C ASP B 151 5.74 -30.36 -11.13
N VAL B 152 4.79 -29.44 -11.20
CA VAL B 152 4.27 -28.64 -10.05
C VAL B 152 2.88 -29.14 -9.69
N PRO B 153 2.59 -29.53 -8.42
CA PRO B 153 1.25 -29.94 -8.06
C PRO B 153 0.24 -28.83 -8.42
N ALA B 154 -0.88 -29.21 -9.03
CA ALA B 154 -2.01 -28.32 -9.38
C ALA B 154 -2.40 -27.43 -8.19
N SER B 155 -2.33 -27.95 -6.96
CA SER B 155 -2.72 -27.24 -5.72
C SER B 155 -1.77 -26.08 -5.44
N ARG B 156 -0.68 -25.92 -6.17
CA ARG B 156 0.18 -24.73 -5.97
C ARG B 156 -0.35 -23.58 -6.83
N PHE B 157 -1.39 -23.79 -7.62
CA PHE B 157 -2.04 -22.71 -8.40
C PHE B 157 -3.39 -22.39 -7.75
N ASN B 158 -3.66 -21.11 -7.45
CA ASN B 158 -4.97 -20.60 -7.00
C ASN B 158 -5.38 -19.48 -7.95
N ALA B 159 -6.66 -19.20 -8.09
CA ALA B 159 -7.15 -17.95 -8.70
C ALA B 159 -7.73 -17.12 -7.56
N MET B 160 -7.74 -15.80 -7.71
CA MET B 160 -8.15 -14.89 -6.62
C MET B 160 -9.65 -14.68 -6.68
N MET B 161 -10.36 -15.12 -5.64
CA MET B 161 -11.77 -14.73 -5.39
C MET B 161 -11.89 -13.98 -4.08
N ARG B 162 -10.78 -13.54 -3.50
CA ARG B 162 -10.74 -12.87 -2.18
C ARG B 162 -11.32 -11.47 -2.32
N LEU B 163 -11.23 -10.85 -3.50
CA LEU B 163 -11.90 -9.55 -3.69
C LEU B 163 -13.41 -9.72 -3.58
N ASP B 164 -13.98 -10.71 -4.25
CA ASP B 164 -15.43 -11.06 -4.14
C ASP B 164 -15.78 -11.35 -2.68
N HIS B 165 -14.97 -12.16 -2.02
CA HIS B 165 -15.18 -12.54 -0.60
C HIS B 165 -15.12 -11.28 0.29
N ASN B 166 -14.11 -10.45 0.14
CA ASN B 166 -13.97 -9.20 0.93
C ASN B 166 -15.16 -8.28 0.67
N ARG B 167 -15.64 -8.18 -0.57
CA ARG B 167 -16.81 -7.32 -0.93
C ARG B 167 -18.09 -7.87 -0.27
N ALA B 168 -18.26 -9.18 -0.20
CA ALA B 168 -19.41 -9.83 0.48
C ALA B 168 -19.38 -9.47 1.97
N ILE B 169 -18.28 -9.73 2.67
CA ILE B 169 -18.10 -9.34 4.11
C ILE B 169 -18.43 -7.85 4.28
N SER B 170 -17.84 -6.99 3.47
CA SER B 170 -18.03 -5.52 3.59
C SER B 170 -19.52 -5.16 3.41
N GLN B 171 -20.25 -5.76 2.46
CA GLN B 171 -21.68 -5.41 2.23
C GLN B 171 -22.50 -5.93 3.42
N LEU B 172 -22.18 -7.10 3.94
CA LEU B 172 -22.86 -7.67 5.14
C LEU B 172 -22.63 -6.71 6.31
N ALA B 173 -21.43 -6.15 6.45
CA ALA B 173 -21.03 -5.30 7.60
C ALA B 173 -21.82 -3.99 7.53
N THR B 174 -21.95 -3.38 6.34
CA THR B 174 -22.74 -2.12 6.21
C THR B 174 -24.24 -2.39 6.44
N LYS B 175 -24.79 -3.49 5.93
CA LYS B 175 -26.23 -3.81 6.06
C LYS B 175 -26.61 -3.90 7.56
N LEU B 176 -25.86 -4.67 8.35
CA LEU B 176 -26.17 -5.03 9.75
C LEU B 176 -25.57 -4.03 10.76
N GLY B 177 -24.89 -2.98 10.30
CA GLY B 177 -24.09 -2.06 11.14
C GLY B 177 -23.14 -2.79 12.09
N ARG B 178 -22.48 -3.86 11.63
CA ARG B 178 -21.48 -4.61 12.43
C ARG B 178 -20.08 -4.40 11.83
N GLY B 179 -19.05 -4.76 12.60
CA GLY B 179 -17.65 -4.77 12.13
C GLY B 179 -17.42 -5.94 11.19
N SER B 180 -16.64 -5.72 10.12
CA SER B 180 -16.26 -6.78 9.13
C SER B 180 -15.58 -7.96 9.86
N ALA B 181 -14.76 -7.67 10.86
CA ALA B 181 -14.06 -8.62 11.76
C ALA B 181 -15.01 -9.61 12.43
N GLU B 182 -16.28 -9.23 12.62
CA GLU B 182 -17.24 -10.00 13.45
C GLU B 182 -17.80 -11.20 12.68
N PHE B 183 -17.72 -11.23 11.34
CA PHE B 183 -18.31 -12.29 10.49
C PHE B 183 -17.40 -13.53 10.36
N ASN B 184 -18.00 -14.72 10.31
CA ASN B 184 -17.32 -16.04 10.17
C ASN B 184 -18.07 -16.81 9.09
N ASN B 185 -17.38 -17.69 8.36
CA ASN B 185 -17.96 -18.73 7.47
C ASN B 185 -18.69 -18.10 6.26
N ILE B 186 -18.08 -17.09 5.63
CA ILE B 186 -18.46 -16.62 4.26
C ILE B 186 -17.78 -17.54 3.25
N VAL B 187 -18.55 -17.99 2.25
CA VAL B 187 -18.07 -18.72 1.05
C VAL B 187 -18.54 -17.93 -0.17
N VAL B 188 -17.64 -17.62 -1.11
CA VAL B 188 -18.01 -17.26 -2.51
C VAL B 188 -17.62 -18.46 -3.40
N TRP B 189 -18.60 -19.28 -3.76
CA TRP B 189 -18.43 -20.45 -4.62
C TRP B 189 -18.21 -20.01 -6.07
N GLY B 190 -17.40 -20.75 -6.82
CA GLY B 190 -17.48 -20.78 -8.29
C GLY B 190 -16.40 -19.97 -8.99
N ASN B 191 -16.84 -19.18 -9.96
CA ASN B 191 -16.02 -18.45 -10.95
C ASN B 191 -15.93 -16.98 -10.51
N HIS B 192 -14.81 -16.31 -10.79
CA HIS B 192 -14.69 -14.84 -10.69
C HIS B 192 -15.35 -14.20 -11.92
N SER B 193 -16.67 -14.11 -11.90
CA SER B 193 -17.58 -13.50 -12.93
C SER B 193 -18.90 -13.13 -12.23
N ALA B 194 -19.86 -12.55 -12.98
CA ALA B 194 -21.23 -12.19 -12.51
C ALA B 194 -22.04 -13.44 -12.10
N THR B 195 -21.59 -14.64 -12.46
CA THR B 195 -22.21 -15.93 -12.03
C THR B 195 -21.81 -16.31 -10.59
N GLN B 196 -20.81 -15.65 -10.00
CA GLN B 196 -20.31 -16.01 -8.63
C GLN B 196 -21.47 -16.11 -7.63
N PHE B 197 -21.30 -16.93 -6.58
CA PHE B 197 -22.34 -17.17 -5.55
C PHE B 197 -21.79 -16.81 -4.17
N PRO B 198 -21.99 -15.56 -3.69
CA PRO B 198 -21.68 -15.20 -2.30
C PRO B 198 -22.77 -15.80 -1.39
N ASP B 199 -22.37 -16.76 -0.56
CA ASP B 199 -23.27 -17.73 0.11
C ASP B 199 -23.19 -17.44 1.61
N ILE B 200 -24.32 -17.10 2.22
CA ILE B 200 -24.40 -16.78 3.68
C ILE B 200 -25.07 -17.92 4.45
N THR B 201 -25.18 -19.13 3.87
CA THR B 201 -25.88 -20.29 4.44
C THR B 201 -25.26 -20.67 5.81
N TYR B 202 -23.96 -20.48 6.02
CA TYR B 202 -23.26 -20.93 7.27
C TYR B 202 -22.74 -19.71 8.02
N ALA B 203 -23.01 -18.51 7.50
CA ALA B 203 -22.36 -17.28 8.00
C ALA B 203 -22.94 -16.97 9.38
N THR B 204 -22.07 -16.51 10.28
CA THR B 204 -22.41 -16.11 11.66
C THR B 204 -21.83 -14.74 11.90
N VAL B 205 -22.47 -13.96 12.78
CA VAL B 205 -21.92 -12.68 13.29
C VAL B 205 -22.21 -12.64 14.79
N GLY B 206 -21.25 -13.13 15.58
CA GLY B 206 -21.26 -13.13 17.06
C GLY B 206 -22.31 -14.05 17.64
N GLY B 207 -22.23 -15.35 17.34
CA GLY B 207 -23.13 -16.40 17.86
C GLY B 207 -24.39 -16.59 17.02
N GLU B 208 -24.83 -15.56 16.30
CA GLU B 208 -26.11 -15.53 15.56
C GLU B 208 -25.89 -15.91 14.11
N LYS B 209 -26.78 -16.72 13.53
CA LYS B 209 -26.89 -16.95 12.07
C LYS B 209 -27.19 -15.64 11.36
N VAL B 210 -26.44 -15.35 10.30
CA VAL B 210 -26.64 -14.13 9.48
C VAL B 210 -28.00 -14.27 8.78
N THR B 211 -28.38 -15.50 8.40
CA THR B 211 -29.65 -15.78 7.69
C THR B 211 -30.84 -15.37 8.56
N ASP B 212 -30.69 -15.42 9.89
CA ASP B 212 -31.70 -14.94 10.86
C ASP B 212 -31.80 -13.42 10.82
N LEU B 213 -30.75 -12.68 10.41
CA LEU B 213 -30.69 -11.19 10.54
C LEU B 213 -30.98 -10.52 9.19
N VAL B 214 -31.07 -11.24 8.08
CA VAL B 214 -31.36 -10.55 6.78
C VAL B 214 -32.55 -11.22 6.11
N ASP B 215 -33.33 -10.40 5.43
CA ASP B 215 -34.42 -10.85 4.54
C ASP B 215 -33.80 -11.70 3.41
N HIS B 216 -34.18 -12.97 3.33
CA HIS B 216 -33.73 -13.91 2.27
C HIS B 216 -33.90 -13.28 0.88
N ASP B 217 -35.01 -12.60 0.60
CA ASP B 217 -35.34 -12.05 -0.75
C ASP B 217 -34.41 -10.87 -1.07
N TRP B 218 -34.17 -9.97 -0.12
CA TRP B 218 -33.17 -8.89 -0.24
C TRP B 218 -31.78 -9.51 -0.56
N TYR B 219 -31.38 -10.56 0.16
CA TYR B 219 -30.07 -11.21 0.00
C TYR B 219 -29.94 -11.76 -1.43
N VAL B 220 -30.96 -12.48 -1.90
CA VAL B 220 -30.94 -13.13 -3.23
C VAL B 220 -31.00 -12.05 -4.33
N GLU B 221 -31.82 -11.03 -4.17
CA GLU B 221 -32.18 -10.11 -5.29
C GLU B 221 -31.40 -8.80 -5.21
N GLU B 222 -30.83 -8.43 -4.05
CA GLU B 222 -30.08 -7.15 -3.94
C GLU B 222 -28.60 -7.42 -3.64
N PHE B 223 -28.31 -8.17 -2.57
CA PHE B 223 -26.94 -8.43 -2.06
C PHE B 223 -26.10 -9.21 -3.09
N ILE B 224 -26.61 -10.32 -3.61
CA ILE B 224 -25.88 -11.18 -4.59
C ILE B 224 -25.49 -10.37 -5.83
N PRO B 225 -26.40 -9.66 -6.52
CA PRO B 225 -25.98 -8.88 -7.69
C PRO B 225 -25.05 -7.69 -7.33
N ARG B 226 -25.23 -7.08 -6.16
CA ARG B 226 -24.40 -5.92 -5.72
C ARG B 226 -22.93 -6.35 -5.59
N VAL B 227 -22.69 -7.50 -4.96
CA VAL B 227 -21.35 -8.12 -4.85
C VAL B 227 -20.86 -8.58 -6.24
N ALA B 228 -21.71 -9.30 -6.96
CA ALA B 228 -21.33 -9.93 -8.25
C ALA B 228 -21.04 -8.85 -9.29
N ASN B 229 -21.57 -7.64 -9.15
CA ASN B 229 -21.42 -6.58 -10.18
C ASN B 229 -20.64 -5.40 -9.61
N ARG B 230 -19.91 -5.61 -8.50
CA ARG B 230 -19.29 -4.48 -7.76
C ARG B 230 -18.20 -3.82 -8.62
N GLY B 231 -17.51 -4.63 -9.42
CA GLY B 231 -16.42 -4.14 -10.28
C GLY B 231 -16.93 -3.09 -11.25
N ALA B 232 -18.10 -3.34 -11.86
CA ALA B 232 -18.77 -2.37 -12.78
C ALA B 232 -19.13 -1.12 -12.00
N GLU B 233 -19.53 -1.26 -10.73
CA GLU B 233 -19.95 -0.12 -9.86
C GLU B 233 -18.71 0.73 -9.58
N ILE B 234 -17.57 0.07 -9.39
CA ILE B 234 -16.27 0.77 -9.13
C ILE B 234 -15.91 1.55 -10.41
N ILE B 235 -15.96 0.93 -11.60
CA ILE B 235 -15.60 1.61 -12.89
C ILE B 235 -16.49 2.85 -13.08
N GLU B 236 -17.78 2.73 -12.74
CA GLU B 236 -18.78 3.82 -12.87
C GLU B 236 -18.38 5.01 -12.01
N VAL B 237 -18.06 4.80 -10.73
CA VAL B 237 -17.81 5.91 -9.76
C VAL B 237 -16.36 6.40 -9.88
N ARG B 238 -15.41 5.52 -10.25
CA ARG B 238 -13.95 5.79 -10.26
C ARG B 238 -13.47 6.24 -11.65
N GLY B 239 -14.03 5.69 -12.73
CA GLY B 239 -13.60 5.99 -14.12
C GLY B 239 -12.67 4.94 -14.67
N LYS B 240 -12.10 4.10 -13.80
CA LYS B 240 -11.23 2.94 -14.17
C LYS B 240 -11.37 1.87 -13.08
N SER B 241 -10.95 0.63 -13.37
CA SER B 241 -11.32 -0.55 -12.53
C SER B 241 -10.54 -0.50 -11.22
N SER B 242 -10.98 -1.28 -10.24
CA SER B 242 -10.39 -1.32 -8.88
C SER B 242 -8.90 -1.67 -9.03
N ALA B 243 -8.07 -1.21 -8.09
CA ALA B 243 -6.63 -1.48 -8.07
C ALA B 243 -6.18 -1.75 -6.62
N ALA B 244 -6.34 -0.79 -5.73
CA ALA B 244 -5.87 -0.85 -4.34
C ALA B 244 -6.62 -2.00 -3.63
N SER B 245 -7.93 -2.13 -3.86
CA SER B 245 -8.77 -3.16 -3.22
C SER B 245 -8.38 -4.53 -3.76
N ALA B 246 -8.05 -4.62 -5.06
CA ALA B 246 -7.67 -5.90 -5.72
C ALA B 246 -6.34 -6.35 -5.15
N ALA B 247 -5.39 -5.41 -5.04
CA ALA B 247 -4.06 -5.65 -4.44
C ALA B 247 -4.23 -6.07 -2.97
N SER B 248 -5.06 -5.37 -2.21
CA SER B 248 -5.36 -5.66 -0.78
C SER B 248 -5.80 -7.13 -0.60
N SER B 249 -6.74 -7.54 -1.44
CA SER B 249 -7.33 -8.89 -1.51
C SER B 249 -6.27 -9.93 -1.90
N ALA B 250 -5.38 -9.61 -2.83
CA ALA B 250 -4.27 -10.51 -3.18
C ALA B 250 -3.30 -10.66 -1.97
N ILE B 251 -3.04 -9.57 -1.24
CA ILE B 251 -2.15 -9.59 -0.05
C ILE B 251 -2.78 -10.50 1.00
N ASP B 252 -4.07 -10.31 1.28
CA ASP B 252 -4.84 -11.20 2.20
C ASP B 252 -4.73 -12.66 1.77
N HIS B 253 -4.96 -12.95 0.49
CA HIS B 253 -4.98 -14.37 0.02
C HIS B 253 -3.63 -15.03 0.29
N MET B 254 -2.53 -14.39 -0.12
CA MET B 254 -1.17 -15.00 -0.06
C MET B 254 -0.74 -15.11 1.41
N ARG B 255 -0.99 -14.07 2.20
CA ARG B 255 -0.74 -14.04 3.68
C ARG B 255 -1.41 -15.23 4.36
N ASP B 256 -2.69 -15.46 4.09
CA ASP B 256 -3.49 -16.57 4.69
C ASP B 256 -2.96 -17.92 4.21
N TRP B 257 -2.73 -18.03 2.91
CA TRP B 257 -2.13 -19.26 2.32
C TRP B 257 -0.85 -19.64 3.07
N VAL B 258 0.04 -18.67 3.26
CA VAL B 258 1.43 -18.87 3.77
C VAL B 258 1.42 -18.98 5.30
N GLN B 259 0.69 -18.12 6.00
CA GLN B 259 0.74 -18.06 7.48
C GLN B 259 -0.35 -18.94 8.11
N GLY B 260 -1.43 -19.27 7.37
CA GLY B 260 -2.55 -20.05 7.94
C GLY B 260 -3.68 -19.16 8.43
N THR B 261 -4.89 -19.70 8.40
CA THR B 261 -6.13 -19.03 8.87
C THR B 261 -7.17 -20.10 9.14
N GLU B 262 -7.96 -19.88 10.20
CA GLU B 262 -9.16 -20.67 10.51
C GLU B 262 -10.39 -19.95 9.96
N ALA B 263 -10.25 -18.72 9.48
CA ALA B 263 -11.32 -17.96 8.79
C ALA B 263 -11.54 -18.54 7.39
N TRP B 264 -12.77 -18.85 7.02
CA TRP B 264 -13.08 -19.33 5.64
C TRP B 264 -12.67 -18.18 4.70
N SER B 265 -11.92 -18.50 3.63
CA SER B 265 -11.18 -17.49 2.86
C SER B 265 -11.53 -17.49 1.35
N SER B 266 -12.39 -18.39 0.87
CA SER B 266 -12.82 -18.44 -0.56
C SER B 266 -11.60 -18.49 -1.51
N ALA B 267 -10.64 -19.38 -1.25
CA ALA B 267 -9.55 -19.65 -2.20
C ALA B 267 -10.16 -20.40 -3.39
N ALA B 268 -9.91 -19.95 -4.64
CA ALA B 268 -10.22 -20.73 -5.86
C ALA B 268 -9.06 -21.72 -6.09
N ILE B 269 -9.34 -23.01 -5.84
CA ILE B 269 -8.35 -24.12 -5.83
C ILE B 269 -8.83 -25.17 -6.82
N PRO B 270 -7.96 -26.13 -7.25
CA PRO B 270 -8.38 -27.23 -8.10
C PRO B 270 -9.51 -27.99 -7.43
N SER B 271 -10.60 -28.19 -8.17
CA SER B 271 -11.73 -29.07 -7.81
C SER B 271 -11.22 -30.51 -7.54
N THR B 272 -11.71 -31.14 -6.48
CA THR B 272 -11.35 -32.53 -6.12
C THR B 272 -12.54 -33.46 -6.37
N GLY B 273 -13.70 -32.91 -6.78
CA GLY B 273 -14.99 -33.64 -6.88
C GLY B 273 -15.85 -33.43 -5.64
N ALA B 274 -15.34 -32.72 -4.63
CA ALA B 274 -16.09 -32.29 -3.43
C ALA B 274 -17.32 -31.46 -3.84
N TYR B 275 -18.41 -31.62 -3.07
CA TYR B 275 -19.68 -30.87 -3.24
C TYR B 275 -20.21 -31.01 -4.67
N GLY B 276 -19.98 -32.16 -5.30
CA GLY B 276 -20.51 -32.53 -6.62
C GLY B 276 -20.06 -31.60 -7.73
N ILE B 277 -18.90 -30.98 -7.57
CA ILE B 277 -18.24 -30.13 -8.59
C ILE B 277 -17.21 -31.00 -9.31
N PRO B 278 -17.28 -31.12 -10.65
CA PRO B 278 -16.36 -32.00 -11.38
C PRO B 278 -14.88 -31.58 -11.28
N GLU B 279 -14.00 -32.54 -11.54
CA GLU B 279 -12.54 -32.31 -11.58
C GLU B 279 -12.20 -31.56 -12.88
N GLY B 280 -11.09 -30.81 -12.84
CA GLY B 280 -10.52 -30.17 -14.03
C GLY B 280 -10.81 -28.68 -14.12
N ILE B 281 -11.32 -28.07 -13.04
CA ILE B 281 -11.55 -26.59 -12.98
C ILE B 281 -11.02 -26.01 -11.65
N PHE B 282 -10.76 -24.71 -11.65
CA PHE B 282 -10.34 -23.96 -10.44
C PHE B 282 -11.57 -23.21 -9.93
N VAL B 283 -11.95 -23.43 -8.67
CA VAL B 283 -13.27 -23.00 -8.13
C VAL B 283 -13.15 -22.45 -6.72
N GLY B 284 -13.82 -21.32 -6.49
CA GLY B 284 -14.10 -20.79 -5.15
C GLY B 284 -14.80 -21.87 -4.32
N LEU B 285 -14.26 -22.14 -3.12
CA LEU B 285 -14.71 -23.23 -2.23
C LEU B 285 -14.53 -22.72 -0.81
N PRO B 286 -15.28 -23.30 0.17
CA PRO B 286 -15.11 -22.98 1.59
C PRO B 286 -13.80 -23.61 2.06
N THR B 287 -12.84 -22.76 2.41
CA THR B 287 -11.39 -23.09 2.47
C THR B 287 -10.72 -22.45 3.67
N VAL B 288 -9.91 -23.24 4.37
CA VAL B 288 -9.05 -22.79 5.48
C VAL B 288 -7.62 -23.20 5.15
N SER B 289 -6.64 -22.49 5.70
CA SER B 289 -5.19 -22.73 5.53
C SER B 289 -4.57 -23.29 6.81
N ARG B 290 -3.91 -24.43 6.66
CA ARG B 290 -3.17 -25.17 7.71
C ARG B 290 -1.92 -25.78 7.08
N ASN B 291 -0.76 -25.47 7.67
CA ASN B 291 0.58 -25.98 7.27
C ASN B 291 0.85 -25.59 5.81
N GLY B 292 0.49 -24.36 5.41
CA GLY B 292 0.74 -23.82 4.08
C GLY B 292 -0.16 -24.38 2.98
N GLU B 293 -1.17 -25.18 3.32
CA GLU B 293 -2.10 -25.82 2.34
C GLU B 293 -3.54 -25.37 2.58
N TRP B 294 -4.27 -24.98 1.53
CA TRP B 294 -5.74 -24.86 1.59
C TRP B 294 -6.34 -26.25 1.87
N GLU B 295 -7.34 -26.29 2.76
CA GLU B 295 -8.18 -27.49 3.03
C GLU B 295 -9.64 -27.11 2.81
N ILE B 296 -10.36 -27.90 2.03
CA ILE B 296 -11.82 -27.76 1.82
C ILE B 296 -12.49 -28.11 3.16
N VAL B 297 -13.34 -27.21 3.68
CA VAL B 297 -14.29 -27.52 4.78
C VAL B 297 -15.23 -28.63 4.31
N GLU B 298 -15.20 -29.78 5.01
CA GLU B 298 -16.03 -30.97 4.66
C GLU B 298 -17.32 -30.95 5.49
N GLY B 299 -18.31 -31.78 5.11
CA GLY B 299 -19.49 -32.14 5.91
C GLY B 299 -20.58 -31.08 5.94
N LEU B 300 -20.48 -30.04 5.12
CA LEU B 300 -21.53 -29.00 4.95
C LEU B 300 -22.68 -29.66 4.20
N GLU B 301 -23.91 -29.29 4.55
CA GLU B 301 -25.15 -29.66 3.79
C GLU B 301 -25.42 -28.62 2.68
N ILE B 302 -25.88 -29.08 1.53
CA ILE B 302 -26.15 -28.24 0.33
C ILE B 302 -27.64 -28.26 0.06
N SER B 303 -28.30 -27.12 0.23
CA SER B 303 -29.72 -26.88 -0.13
C SER B 303 -29.89 -26.90 -1.66
N ASP B 304 -31.11 -27.14 -2.14
CA ASP B 304 -31.45 -27.02 -3.58
C ASP B 304 -31.11 -25.60 -4.06
N PHE B 305 -31.33 -24.56 -3.25
CA PHE B 305 -30.98 -23.15 -3.54
C PHE B 305 -29.47 -23.04 -3.87
N GLN B 306 -28.63 -23.53 -2.96
CA GLN B 306 -27.15 -23.59 -3.09
C GLN B 306 -26.76 -24.37 -4.35
N ARG B 307 -27.32 -25.59 -4.49
CA ARG B 307 -26.99 -26.52 -5.59
C ARG B 307 -27.16 -25.82 -6.95
N ALA B 308 -28.27 -25.12 -7.22
CA ALA B 308 -28.51 -24.45 -8.52
C ALA B 308 -27.38 -23.42 -8.80
N ARG B 309 -26.91 -22.69 -7.79
CA ARG B 309 -25.91 -21.60 -7.99
C ARG B 309 -24.51 -22.23 -8.16
N ILE B 310 -24.15 -23.22 -7.33
CA ILE B 310 -22.87 -23.95 -7.46
C ILE B 310 -22.80 -24.62 -8.83
N ASP B 311 -23.85 -25.31 -9.26
CA ASP B 311 -23.82 -26.00 -10.57
C ASP B 311 -23.76 -24.95 -11.70
N ALA B 312 -24.35 -23.75 -11.55
CA ALA B 312 -24.28 -22.69 -12.59
C ALA B 312 -22.81 -22.27 -12.78
N ASN B 313 -22.05 -22.21 -11.69
CA ASN B 313 -20.62 -21.82 -11.68
C ASN B 313 -19.78 -22.98 -12.25
N ALA B 314 -19.96 -24.22 -11.78
CA ALA B 314 -19.25 -25.40 -12.34
C ALA B 314 -19.44 -25.45 -13.87
N GLN B 315 -20.67 -25.26 -14.32
CA GLN B 315 -21.01 -25.37 -15.76
C GLN B 315 -20.28 -24.27 -16.52
N GLU B 316 -20.35 -23.04 -16.04
CA GLU B 316 -19.63 -21.87 -16.64
C GLU B 316 -18.11 -22.16 -16.76
N LEU B 317 -17.51 -22.72 -15.71
CA LEU B 317 -16.07 -23.07 -15.67
C LEU B 317 -15.75 -24.16 -16.70
N GLN B 318 -16.60 -25.17 -16.86
CA GLN B 318 -16.40 -26.20 -17.91
C GLN B 318 -16.55 -25.56 -19.30
N ALA B 319 -17.42 -24.55 -19.47
CA ALA B 319 -17.59 -23.86 -20.77
C ALA B 319 -16.26 -23.19 -21.09
N GLU B 320 -15.68 -22.52 -20.08
CA GLU B 320 -14.44 -21.72 -20.24
C GLU B 320 -13.32 -22.69 -20.56
N ARG B 321 -13.24 -23.82 -19.84
CA ARG B 321 -12.18 -24.81 -20.09
C ARG B 321 -12.28 -25.29 -21.54
N GLU B 322 -13.47 -25.51 -22.08
CA GLU B 322 -13.60 -26.04 -23.46
C GLU B 322 -13.23 -24.94 -24.44
N ALA B 323 -13.44 -23.68 -24.11
CA ALA B 323 -13.07 -22.54 -24.99
C ALA B 323 -11.53 -22.42 -25.12
N VAL B 324 -10.76 -22.86 -24.11
CA VAL B 324 -9.28 -22.64 -24.06
C VAL B 324 -8.56 -23.98 -24.14
N ARG B 325 -9.27 -25.03 -24.51
CA ARG B 325 -8.78 -26.42 -24.47
C ARG B 325 -7.45 -26.57 -25.25
N ASP B 326 -7.32 -25.90 -26.39
CA ASP B 326 -6.10 -25.97 -27.23
C ASP B 326 -4.93 -25.13 -26.65
N LEU B 327 -5.17 -24.35 -25.60
CA LEU B 327 -4.11 -23.54 -24.93
C LEU B 327 -3.56 -24.33 -23.74
N LEU B 328 -4.07 -25.52 -23.51
CA LEU B 328 -3.55 -26.40 -22.45
C LEU B 328 -2.33 -27.10 -23.05
N LEU B 329 -1.12 -26.69 -22.67
CA LEU B 329 0.16 -27.16 -23.27
C LEU B 329 0.43 -28.64 -23.01
N GLU B 330 0.01 -29.17 -21.88
CA GLU B 330 0.18 -30.62 -21.58
C GLU B 330 -1.21 -31.25 -21.50
C1 LMR C . 9.86 14.50 -4.72
O1A LMR C . 9.73 13.42 -5.40
O1B LMR C . 10.94 15.00 -4.33
C2 LMR C . 8.59 15.28 -4.32
O2 LMR C . 8.91 16.40 -3.51
C3 LMR C . 7.78 15.74 -5.54
C4 LMR C . 8.54 16.79 -6.31
O4A LMR C . 9.71 16.53 -6.67
O4B LMR C . 7.98 17.87 -6.56
PA NAD D . -2.26 14.85 -6.64
O1A NAD D . -2.54 16.02 -7.51
O2A NAD D . -2.25 13.46 -7.17
O5B NAD D . -3.25 14.89 -5.41
C5B NAD D . -3.49 16.15 -4.70
C4B NAD D . -4.91 16.15 -4.22
O4B NAD D . -5.10 17.23 -3.26
C3B NAD D . -5.98 16.35 -5.32
O3B NAD D . -7.00 15.36 -5.24
C2B NAD D . -6.58 17.72 -5.00
O2B NAD D . -7.96 17.80 -5.30
C1B NAD D . -6.37 17.79 -3.49
N9A NAD D . -6.43 19.12 -2.94
C8A NAD D . -6.12 20.32 -3.52
N7A NAD D . -6.35 21.35 -2.76
C5A NAD D . -6.89 20.80 -1.60
C6A NAD D . -7.40 21.39 -0.43
N6A NAD D . -7.43 22.70 -0.20
N1A NAD D . -7.91 20.55 0.52
C2A NAD D . -7.89 19.23 0.28
N3A NAD D . -7.44 18.56 -0.78
C4A NAD D . -6.95 19.42 -1.69
O3 NAD D . -0.88 15.10 -5.85
PN NAD D . 0.05 14.04 -5.10
O1N NAD D . -0.78 13.20 -4.22
O2N NAD D . 0.87 13.33 -6.09
O5D NAD D . 0.99 15.01 -4.21
C5D NAD D . 0.40 15.71 -3.10
C4D NAD D . 1.39 16.71 -2.55
O4D NAD D . 2.51 16.02 -1.95
C3D NAD D . 1.99 17.67 -3.59
O3D NAD D . 2.12 18.97 -3.02
C2D NAD D . 3.38 17.09 -3.82
O2D NAD D . 4.30 18.06 -4.30
C1D NAD D . 3.68 16.68 -2.37
N1N NAD D . 4.87 15.80 -2.21
C2N NAD D . 5.67 15.94 -1.09
C3N NAD D . 6.63 14.98 -0.78
C7N NAD D . 7.45 15.13 0.47
O7N NAD D . 7.18 16.00 1.30
N7N NAD D . 8.48 14.30 0.60
C4N NAD D . 6.86 13.93 -1.66
C5N NAD D . 6.15 13.89 -2.86
C6N NAD D . 5.21 14.86 -3.14
C1 LMR E . -13.35 -6.45 -10.42
O1A LMR E . -13.19 -5.28 -9.93
O1B LMR E . -14.33 -7.21 -10.17
C2 LMR E . -12.26 -7.01 -11.35
O2 LMR E . -12.51 -8.31 -11.86
C3 LMR E . -11.93 -6.08 -12.53
C4 LMR E . -13.04 -5.96 -13.56
O4A LMR E . -14.20 -6.23 -13.18
O4B LMR E . -12.73 -5.58 -14.71
PA NAD F . -3.03 -2.70 -16.01
O1A NAD F . -3.35 -2.43 -17.44
O2A NAD F . -2.89 -1.45 -15.19
O5B NAD F . -1.72 -3.55 -15.80
C5B NAD F . -1.46 -4.79 -16.48
C4B NAD F . 0.02 -4.84 -16.78
O4B NAD F . 0.34 -6.18 -17.21
C3B NAD F . 0.50 -3.88 -17.88
O3B NAD F . 1.60 -3.10 -17.41
C2B NAD F . 0.94 -4.81 -19.02
O2B NAD F . 2.13 -4.41 -19.66
C1B NAD F . 1.26 -6.09 -18.25
N9A NAD F . 1.27 -7.30 -19.06
C8A NAD F . 0.60 -7.59 -20.23
N7A NAD F . 0.95 -8.74 -20.74
C5A NAD F . 1.94 -9.22 -19.89
C6A NAD F . 2.74 -10.38 -19.90
N6A NAD F . 2.71 -11.29 -20.87
N1A NAD F . 3.66 -10.51 -18.89
C2A NAD F . 3.72 -9.57 -17.95
N3A NAD F . 3.03 -8.44 -17.84
C4A NAD F . 2.14 -8.33 -18.85
O3 NAD F . -4.11 -3.69 -15.36
PN NAD F . -4.51 -3.86 -13.82
O1N NAD F . -5.50 -2.82 -13.46
O2N NAD F . -3.24 -3.92 -13.05
O5D NAD F . -5.21 -5.30 -13.81
C5D NAD F . -4.41 -6.47 -14.10
C4D NAD F . -5.31 -7.67 -14.23
O4D NAD F . -5.99 -7.89 -12.96
C3D NAD F . -6.43 -7.56 -15.29
O3D NAD F . -6.59 -8.81 -15.95
C2D NAD F . -7.65 -7.24 -14.43
O2D NAD F . -8.88 -7.56 -15.04
C1D NAD F . -7.35 -8.17 -13.25
N1N NAD F . -8.20 -8.01 -12.04
C2N NAD F . -8.60 -9.14 -11.38
C3N NAD F . -9.21 -9.05 -10.14
C7N NAD F . -9.55 -10.29 -9.39
O7N NAD F . -9.22 -11.41 -9.82
N7N NAD F . -10.26 -10.10 -8.30
C4N NAD F . -9.53 -7.78 -9.63
C5N NAD F . -9.30 -6.65 -10.41
C6N NAD F . -8.59 -6.77 -11.59
#